data_3GN0
#
_entry.id   3GN0
#
_cell.length_a   89.587
_cell.length_b   89.587
_cell.length_c   69.020
_cell.angle_alpha   90.00
_cell.angle_beta   90.00
_cell.angle_gamma   120.00
#
_symmetry.space_group_name_H-M   'P 3'
#
loop_
_entity.id
_entity.type
_entity.pdbx_description
1 polymer Arginase-1
2 non-polymer 'MANGANESE (II) ION'
3 non-polymer ALPHA-DIFLUOROMETHYLORNITHINE
4 water water
#
_entity_poly.entity_id   1
_entity_poly.type   'polypeptide(L)'
_entity_poly.pdbx_seq_one_letter_code
;MSAKSRTIGIIGAPFSKGQPRGGVEEGPTVLRKAGLLEKLKEQECDVKDYGDLPFADIPNDSPFQIVKNPRSVGKASEQL
AGKVAEVKKNGRISLVLGGDHSLAIGSISGHARVHPDLGVIWVDAHTDINTPLTTTSGNLHGQPVSFLLKELKGKIPDVP
GFSWVTPCISAKDIVYIGLRDVDPGEHYILKTLGIKYFSMTEVDRLGIGKVMEETLSYLLGRKKRPIHLSFDVDGLDPSF
TPATGTPVVGGLTYREGLYITEEIYKTGLLSGLDIMEVNPSLGKTPEEVTRTVNTAVAITLACFGLAREGNHKPIDYLNP
PK
;
_entity_poly.pdbx_strand_id   A,B
#
loop_
_chem_comp.id
_chem_comp.type
_chem_comp.name
_chem_comp.formula
DMO non-polymer ALPHA-DIFLUOROMETHYLORNITHINE 'C6 H12 F2 N2 O2'
MN non-polymer 'MANGANESE (II) ION' 'Mn 2'
#
# COMPACT_ATOMS: atom_id res chain seq x y z
N SER A 5 25.28 27.64 22.06
CA SER A 5 23.88 27.68 21.55
C SER A 5 23.74 26.74 20.36
N ARG A 6 22.55 26.17 20.20
CA ARG A 6 22.28 25.25 19.10
C ARG A 6 21.16 25.76 18.23
N THR A 7 21.52 26.08 16.99
CA THR A 7 20.57 26.60 16.01
C THR A 7 19.99 25.46 15.19
N ILE A 8 18.65 25.44 15.09
CA ILE A 8 17.94 24.41 14.35
C ILE A 8 17.31 24.94 13.07
N GLY A 9 17.36 24.12 12.02
CA GLY A 9 16.79 24.49 10.75
C GLY A 9 15.73 23.46 10.38
N ILE A 10 14.49 23.74 10.74
CA ILE A 10 13.38 22.83 10.48
C ILE A 10 12.99 22.74 9.00
N ILE A 11 12.83 21.51 8.52
CA ILE A 11 12.43 21.28 7.14
C ILE A 11 11.36 20.21 7.12
N GLY A 12 10.16 20.60 6.69
CA GLY A 12 9.07 19.65 6.61
C GLY A 12 9.14 18.94 5.27
N ALA A 13 9.05 17.61 5.31
CA ALA A 13 9.11 16.84 4.09
C ALA A 13 7.90 15.91 3.98
N PRO A 14 6.71 16.48 3.73
CA PRO A 14 5.48 15.69 3.60
C PRO A 14 5.51 14.87 2.31
N PHE A 15 6.26 13.77 2.34
CA PHE A 15 6.39 12.89 1.18
C PHE A 15 6.15 11.44 1.60
N SER A 16 5.45 10.70 0.75
CA SER A 16 5.12 9.30 1.03
C SER A 16 5.35 8.29 -0.09
N LYS A 17 5.68 8.75 -1.29
CA LYS A 17 5.84 7.83 -2.40
C LYS A 17 7.05 6.91 -2.41
N GLY A 18 7.76 6.85 -1.29
CA GLY A 18 8.89 5.96 -1.18
C GLY A 18 8.35 4.65 -0.63
N GLN A 19 7.06 4.64 -0.34
CA GLN A 19 6.37 3.48 0.18
C GLN A 19 4.89 3.53 -0.21
N PRO A 20 4.15 2.42 -0.01
CA PRO A 20 2.72 2.36 -0.37
C PRO A 20 1.70 3.11 0.47
N ARG A 21 1.85 3.04 1.79
CA ARG A 21 0.91 3.66 2.71
C ARG A 21 0.95 5.18 2.84
N GLY A 22 -0.16 5.82 2.48
CA GLY A 22 -0.23 7.26 2.58
C GLY A 22 -0.50 7.67 4.02
N GLY A 23 -0.27 8.92 4.35
CA GLY A 23 -0.51 9.37 5.71
C GLY A 23 0.78 9.79 6.35
N VAL A 24 1.89 9.16 5.92
CA VAL A 24 3.19 9.49 6.44
C VAL A 24 3.58 10.89 5.98
N GLU A 25 2.91 11.39 4.95
CA GLU A 25 3.21 12.73 4.47
C GLU A 25 2.61 13.76 5.42
N GLU A 26 1.88 13.28 6.42
CA GLU A 26 1.25 14.14 7.44
C GLU A 26 2.20 14.28 8.62
N GLY A 27 3.32 13.55 8.58
CA GLY A 27 4.29 13.60 9.66
C GLY A 27 4.66 15.00 10.10
N PRO A 28 5.08 15.89 9.19
CA PRO A 28 5.45 17.24 9.59
C PRO A 28 4.31 17.94 10.33
N THR A 29 3.10 17.76 9.81
CA THR A 29 1.90 18.37 10.40
C THR A 29 1.65 17.98 11.86
N VAL A 30 1.57 16.67 12.12
CA VAL A 30 1.31 16.19 13.47
C VAL A 30 2.45 16.49 14.44
N LEU A 31 3.67 16.53 13.94
CA LEU A 31 4.83 16.82 14.79
C LEU A 31 4.84 18.30 15.20
N ARG A 32 4.57 19.19 14.25
CA ARG A 32 4.53 20.62 14.56
C ARG A 32 3.31 20.86 15.46
N LYS A 33 2.19 20.25 15.11
CA LYS A 33 0.96 20.38 15.89
C LYS A 33 1.18 19.92 17.33
N ALA A 34 2.19 19.09 17.55
CA ALA A 34 2.49 18.60 18.89
C ALA A 34 3.34 19.60 19.69
N GLY A 35 3.64 20.74 19.08
CA GLY A 35 4.42 21.75 19.74
C GLY A 35 5.93 21.57 19.67
N LEU A 36 6.40 20.84 18.65
CA LEU A 36 7.83 20.59 18.49
C LEU A 36 8.66 21.87 18.44
N LEU A 37 8.27 22.80 17.57
CA LEU A 37 9.00 24.06 17.44
C LEU A 37 9.01 24.78 18.78
N GLU A 38 7.83 24.89 19.38
CA GLU A 38 7.67 25.56 20.65
C GLU A 38 8.54 24.93 21.74
N LYS A 39 8.42 23.61 21.90
CA LYS A 39 9.19 22.88 22.90
C LYS A 39 10.70 23.01 22.66
N LEU A 40 11.09 23.07 21.39
CA LEU A 40 12.51 23.22 21.09
C LEU A 40 12.96 24.57 21.61
N LYS A 41 12.10 25.57 21.40
CA LYS A 41 12.40 26.92 21.87
C LYS A 41 12.34 27.01 23.39
N GLU A 42 11.54 26.13 24.01
CA GLU A 42 11.43 26.11 25.46
C GLU A 42 12.78 25.72 26.07
N GLN A 43 13.72 25.34 25.20
CA GLN A 43 15.06 24.96 25.61
C GLN A 43 16.00 26.07 25.14
N GLU A 44 17.30 25.80 25.15
CA GLU A 44 18.28 26.78 24.70
C GLU A 44 18.41 26.67 23.18
N CYS A 45 17.28 26.55 22.49
CA CYS A 45 17.31 26.40 21.04
C CYS A 45 16.90 27.59 20.17
N ASP A 46 17.75 27.87 19.18
CA ASP A 46 17.53 28.94 18.20
C ASP A 46 16.92 28.22 17.01
N VAL A 47 15.59 28.26 16.91
CA VAL A 47 14.88 27.56 15.84
C VAL A 47 14.37 28.39 14.67
N LYS A 48 14.76 27.99 13.47
CA LYS A 48 14.31 28.67 12.25
C LYS A 48 13.58 27.63 11.40
N ASP A 49 12.30 27.85 11.17
CA ASP A 49 11.49 26.93 10.40
C ASP A 49 11.49 27.30 8.92
N TYR A 50 11.96 26.37 8.08
CA TYR A 50 12.00 26.61 6.65
C TYR A 50 10.74 26.13 5.96
N GLY A 51 9.72 25.82 6.76
CA GLY A 51 8.45 25.36 6.23
C GLY A 51 8.44 23.96 5.67
N ASP A 52 7.33 23.59 5.03
CA ASP A 52 7.19 22.28 4.43
C ASP A 52 7.50 22.38 2.94
N LEU A 53 8.45 21.58 2.48
CA LEU A 53 8.80 21.58 1.07
C LEU A 53 7.55 21.20 0.26
N PRO A 54 7.23 21.98 -0.77
CA PRO A 54 6.06 21.70 -1.59
C PRO A 54 6.46 20.72 -2.69
N PHE A 55 6.20 19.43 -2.46
CA PHE A 55 6.56 18.40 -3.41
C PHE A 55 5.55 18.27 -4.55
N ALA A 56 5.85 18.96 -5.65
CA ALA A 56 5.00 18.95 -6.83
C ALA A 56 4.57 17.53 -7.18
N ASP A 57 3.36 17.43 -7.69
CA ASP A 57 2.77 16.15 -8.07
C ASP A 57 3.33 15.70 -9.43
N ILE A 58 3.88 14.50 -9.48
CA ILE A 58 4.43 13.96 -10.72
C ILE A 58 3.52 12.80 -11.13
N PRO A 59 2.43 13.10 -11.86
CA PRO A 59 1.41 12.18 -12.36
C PRO A 59 1.92 11.02 -13.20
N ASN A 60 2.89 11.32 -14.05
CA ASN A 60 3.48 10.29 -14.91
C ASN A 60 4.71 9.76 -14.22
N ASP A 61 4.57 8.60 -13.60
CA ASP A 61 5.66 8.02 -12.87
C ASP A 61 5.48 6.51 -12.74
N SER A 62 5.48 5.82 -13.88
CA SER A 62 5.35 4.38 -13.89
C SER A 62 6.59 3.73 -13.32
N PRO A 63 6.46 2.52 -12.76
CA PRO A 63 7.62 1.85 -12.18
C PRO A 63 8.78 1.71 -13.16
N PHE A 64 9.99 1.68 -12.60
CA PHE A 64 11.20 1.46 -13.36
C PHE A 64 11.46 0.01 -12.95
N GLN A 65 11.18 -0.92 -13.86
CA GLN A 65 11.30 -2.34 -13.56
C GLN A 65 10.27 -2.54 -12.44
N ILE A 66 10.71 -2.72 -11.20
CA ILE A 66 9.76 -2.89 -10.10
C ILE A 66 9.79 -1.75 -9.08
N VAL A 67 10.79 -0.88 -9.21
CA VAL A 67 10.95 0.26 -8.31
C VAL A 67 9.79 1.23 -8.55
N LYS A 68 8.97 1.46 -7.53
CA LYS A 68 7.80 2.34 -7.65
C LYS A 68 8.04 3.82 -7.37
N ASN A 69 7.35 4.67 -8.14
CA ASN A 69 7.43 6.12 -8.01
C ASN A 69 8.84 6.70 -8.01
N PRO A 70 9.73 6.19 -8.89
CA PRO A 70 11.11 6.69 -8.93
C PRO A 70 11.30 8.19 -9.17
N ARG A 71 10.52 8.76 -10.09
CA ARG A 71 10.62 10.18 -10.40
C ARG A 71 10.13 11.04 -9.25
N SER A 72 9.04 10.63 -8.63
CA SER A 72 8.47 11.35 -7.51
C SER A 72 9.46 11.30 -6.34
N VAL A 73 9.93 10.10 -6.03
CA VAL A 73 10.90 9.92 -4.96
C VAL A 73 12.18 10.70 -5.24
N GLY A 74 12.75 10.48 -6.42
CA GLY A 74 13.98 11.14 -6.80
C GLY A 74 13.93 12.65 -6.74
N LYS A 75 12.81 13.22 -7.17
CA LYS A 75 12.63 14.67 -7.16
C LYS A 75 12.53 15.21 -5.75
N ALA A 76 11.71 14.56 -4.92
CA ALA A 76 11.53 14.99 -3.54
C ALA A 76 12.88 15.06 -2.82
N SER A 77 13.72 14.04 -3.04
CA SER A 77 15.04 14.00 -2.44
C SER A 77 15.91 15.10 -3.01
N GLU A 78 15.82 15.30 -4.32
CA GLU A 78 16.61 16.35 -4.96
C GLU A 78 16.24 17.69 -4.35
N GLN A 79 14.93 17.92 -4.16
CA GLN A 79 14.47 19.17 -3.58
C GLN A 79 14.98 19.30 -2.15
N LEU A 80 14.81 18.24 -1.37
CA LEU A 80 15.26 18.23 0.01
C LEU A 80 16.76 18.46 0.15
N ALA A 81 17.54 17.80 -0.70
CA ALA A 81 19.00 17.94 -0.66
C ALA A 81 19.39 19.41 -0.75
N GLY A 82 18.73 20.14 -1.65
CA GLY A 82 19.02 21.55 -1.80
C GLY A 82 18.65 22.35 -0.57
N LYS A 83 17.45 22.09 -0.04
CA LYS A 83 16.99 22.79 1.15
C LYS A 83 17.91 22.51 2.32
N VAL A 84 18.31 21.24 2.46
CA VAL A 84 19.21 20.83 3.54
C VAL A 84 20.54 21.54 3.45
N ALA A 85 21.12 21.58 2.25
CA ALA A 85 22.41 22.25 2.06
C ALA A 85 22.26 23.73 2.40
N GLU A 86 21.10 24.29 2.04
CA GLU A 86 20.79 25.69 2.32
C GLU A 86 20.81 25.98 3.82
N VAL A 87 20.15 25.12 4.59
CA VAL A 87 20.09 25.27 6.03
C VAL A 87 21.50 25.11 6.61
N LYS A 88 22.25 24.13 6.11
CA LYS A 88 23.60 23.91 6.61
C LYS A 88 24.46 25.14 6.37
N LYS A 89 24.33 25.74 5.18
CA LYS A 89 25.10 26.93 4.84
C LYS A 89 24.77 28.07 5.79
N ASN A 90 23.57 28.04 6.37
CA ASN A 90 23.16 29.06 7.33
C ASN A 90 23.64 28.70 8.72
N GLY A 91 24.55 27.74 8.80
CA GLY A 91 25.12 27.32 10.07
C GLY A 91 24.10 26.75 11.05
N ARG A 92 23.16 25.98 10.53
CA ARG A 92 22.11 25.40 11.37
C ARG A 92 22.02 23.89 11.25
N ILE A 93 21.64 23.23 12.34
CA ILE A 93 21.47 21.78 12.34
C ILE A 93 20.17 21.52 11.60
N SER A 94 20.24 20.81 10.47
CA SER A 94 19.04 20.52 9.69
C SER A 94 18.15 19.47 10.36
N LEU A 95 16.89 19.81 10.58
CA LEU A 95 15.94 18.89 11.18
C LEU A 95 14.87 18.59 10.14
N VAL A 96 14.95 17.42 9.53
CA VAL A 96 13.99 17.02 8.51
C VAL A 96 12.86 16.19 9.08
N LEU A 97 11.63 16.69 8.96
CA LEU A 97 10.46 15.98 9.45
C LEU A 97 9.82 15.24 8.28
N GLY A 98 9.90 13.91 8.27
CA GLY A 98 9.30 13.15 7.19
C GLY A 98 7.85 12.81 7.45
N GLY A 99 7.17 12.15 6.52
CA GLY A 99 7.78 11.72 5.27
C GLY A 99 8.41 10.34 5.39
N ASP A 100 8.40 9.56 4.32
CA ASP A 100 9.03 8.24 4.39
C ASP A 100 10.54 8.38 4.35
N HIS A 101 11.24 7.31 4.72
CA HIS A 101 12.70 7.30 4.77
C HIS A 101 13.45 7.46 3.45
N SER A 102 12.77 7.38 2.31
CA SER A 102 13.45 7.53 1.02
C SER A 102 14.09 8.91 0.98
N LEU A 103 13.52 9.85 1.73
CA LEU A 103 14.01 11.22 1.79
C LEU A 103 15.43 11.33 2.31
N ALA A 104 15.91 10.30 2.99
CA ALA A 104 17.25 10.29 3.53
C ALA A 104 18.27 10.50 2.40
N ILE A 105 17.90 10.08 1.20
CA ILE A 105 18.77 10.25 0.05
C ILE A 105 19.07 11.73 -0.17
N GLY A 106 18.04 12.57 -0.11
CA GLY A 106 18.25 13.98 -0.30
C GLY A 106 18.85 14.64 0.92
N SER A 107 18.35 14.24 2.08
CA SER A 107 18.80 14.81 3.35
C SER A 107 20.28 14.60 3.58
N ILE A 108 20.76 13.38 3.34
CA ILE A 108 22.17 13.08 3.53
C ILE A 108 23.01 13.66 2.40
N SER A 109 22.46 13.67 1.19
CA SER A 109 23.19 14.23 0.05
C SER A 109 23.41 15.71 0.27
N GLY A 110 22.35 16.44 0.58
CA GLY A 110 22.45 17.87 0.80
C GLY A 110 23.39 18.21 1.93
N HIS A 111 23.31 17.44 3.01
CA HIS A 111 24.17 17.64 4.16
C HIS A 111 25.64 17.46 3.78
N ALA A 112 25.93 16.39 3.04
CA ALA A 112 27.29 16.07 2.61
C ALA A 112 27.91 17.10 1.66
N ARG A 113 27.08 17.95 1.05
CA ARG A 113 27.59 18.97 0.14
C ARG A 113 28.29 20.03 0.98
N VAL A 114 27.70 20.37 2.12
CA VAL A 114 28.26 21.37 3.00
C VAL A 114 29.25 20.73 3.99
N HIS A 115 29.08 19.44 4.23
CA HIS A 115 29.94 18.72 5.16
C HIS A 115 30.24 17.31 4.65
N PRO A 116 31.13 17.20 3.65
CA PRO A 116 31.51 15.91 3.07
C PRO A 116 32.08 14.88 4.04
N ASP A 117 32.63 15.36 5.16
CA ASP A 117 33.25 14.48 6.16
C ASP A 117 32.26 13.91 7.17
N LEU A 118 30.97 14.07 6.91
CA LEU A 118 29.94 13.59 7.83
C LEU A 118 29.93 12.08 8.06
N GLY A 119 29.42 11.71 9.23
CA GLY A 119 29.30 10.32 9.60
C GLY A 119 27.82 10.13 9.88
N VAL A 120 27.30 8.98 9.48
CA VAL A 120 25.90 8.71 9.66
C VAL A 120 25.58 7.65 10.69
N ILE A 121 24.63 7.95 11.55
CA ILE A 121 24.17 6.99 12.52
C ILE A 121 22.74 6.75 12.06
N TRP A 122 22.45 5.51 11.69
CA TRP A 122 21.15 5.12 11.18
C TRP A 122 20.38 4.26 12.20
N VAL A 123 19.37 4.85 12.83
CA VAL A 123 18.55 4.11 13.79
C VAL A 123 17.32 3.66 13.02
N ASP A 124 17.14 2.34 12.93
CA ASP A 124 16.04 1.80 12.15
C ASP A 124 15.92 0.31 12.45
N ALA A 125 14.76 -0.27 12.15
CA ALA A 125 14.56 -1.70 12.34
C ALA A 125 15.08 -2.36 11.06
N HIS A 126 15.24 -1.55 10.01
CA HIS A 126 15.70 -2.01 8.71
C HIS A 126 16.98 -1.29 8.28
N THR A 127 17.70 -1.89 7.34
CA THR A 127 18.94 -1.31 6.84
C THR A 127 18.70 -0.39 5.66
N ASP A 128 17.51 -0.49 5.06
CA ASP A 128 17.14 0.34 3.91
C ASP A 128 18.30 0.47 2.93
N ILE A 129 18.99 -0.64 2.69
CA ILE A 129 20.14 -0.62 1.81
C ILE A 129 19.94 -1.48 0.56
N ASN A 130 18.70 -1.80 0.24
CA ASN A 130 18.42 -2.57 -0.97
C ASN A 130 18.74 -1.71 -2.19
N THR A 131 19.17 -2.34 -3.27
CA THR A 131 19.44 -1.58 -4.48
C THR A 131 18.19 -1.83 -5.32
N PRO A 132 18.02 -1.08 -6.41
CA PRO A 132 16.84 -1.27 -7.27
C PRO A 132 16.77 -2.70 -7.80
N LEU A 133 17.92 -3.36 -7.80
CA LEU A 133 18.01 -4.73 -8.29
C LEU A 133 17.88 -5.79 -7.21
N THR A 134 18.08 -5.42 -5.95
CA THR A 134 17.93 -6.40 -4.89
C THR A 134 16.57 -6.27 -4.22
N THR A 135 15.97 -5.08 -4.29
CA THR A 135 14.67 -4.89 -3.66
C THR A 135 13.64 -5.84 -4.23
N THR A 136 12.72 -6.30 -3.39
CA THR A 136 11.66 -7.21 -3.83
C THR A 136 10.31 -6.47 -3.70
N SER A 137 10.31 -5.41 -2.89
CA SER A 137 9.10 -4.63 -2.66
C SER A 137 9.00 -3.48 -3.65
N GLY A 138 10.15 -3.02 -4.13
CA GLY A 138 10.16 -1.92 -5.08
C GLY A 138 9.92 -0.59 -4.38
N ASN A 139 9.74 -0.63 -3.06
CA ASN A 139 9.50 0.59 -2.29
C ASN A 139 10.83 1.28 -2.00
N LEU A 140 10.99 2.52 -2.45
CA LEU A 140 12.23 3.25 -2.27
C LEU A 140 12.62 3.64 -0.85
N HIS A 141 11.72 3.53 0.13
CA HIS A 141 12.13 3.87 1.49
C HIS A 141 12.95 2.69 2.04
N GLY A 142 13.10 1.65 1.22
CA GLY A 142 13.88 0.49 1.61
C GLY A 142 15.15 0.42 0.79
N GLN A 143 15.50 1.52 0.11
CA GLN A 143 16.69 1.59 -0.74
C GLN A 143 17.55 2.86 -0.58
N PRO A 144 17.15 3.83 0.25
CA PRO A 144 17.99 5.02 0.36
C PRO A 144 19.52 4.86 0.52
N VAL A 145 19.96 3.98 1.42
CA VAL A 145 21.39 3.83 1.64
C VAL A 145 22.19 3.33 0.44
N SER A 146 21.59 2.49 -0.40
CA SER A 146 22.29 1.98 -1.58
C SER A 146 22.69 3.11 -2.51
N PHE A 147 21.83 4.12 -2.63
CA PHE A 147 22.10 5.27 -3.51
C PHE A 147 23.15 6.22 -2.94
N LEU A 148 23.43 6.10 -1.65
CA LEU A 148 24.40 6.97 -1.00
C LEU A 148 25.81 6.39 -0.83
N LEU A 149 25.93 5.07 -0.91
CA LEU A 149 27.24 4.44 -0.74
C LEU A 149 28.10 4.45 -1.99
N LYS A 150 29.30 5.00 -1.86
CA LYS A 150 30.23 5.09 -2.97
C LYS A 150 30.59 3.72 -3.50
N GLU A 151 30.71 2.75 -2.59
CA GLU A 151 31.07 1.38 -2.97
C GLU A 151 29.99 0.65 -3.74
N LEU A 152 28.76 1.13 -3.65
CA LEU A 152 27.66 0.48 -4.35
C LEU A 152 27.35 1.12 -5.70
N LYS A 153 27.94 2.29 -5.97
CA LYS A 153 27.72 2.95 -7.26
C LYS A 153 28.27 1.99 -8.30
N GLY A 154 27.46 1.70 -9.32
CA GLY A 154 27.86 0.76 -10.34
C GLY A 154 26.90 -0.40 -10.23
N LYS A 155 26.34 -0.57 -9.04
CA LYS A 155 25.35 -1.60 -8.77
C LYS A 155 23.99 -0.92 -8.78
N ILE A 156 24.04 0.40 -8.89
CA ILE A 156 22.83 1.20 -8.92
C ILE A 156 22.52 1.57 -10.37
N PRO A 157 21.45 0.99 -10.95
CA PRO A 157 21.09 1.31 -12.34
C PRO A 157 20.57 2.74 -12.41
N ASP A 158 20.56 3.33 -13.59
CA ASP A 158 20.06 4.69 -13.73
C ASP A 158 18.55 4.71 -13.63
N VAL A 159 18.06 4.98 -12.44
CA VAL A 159 16.63 5.05 -12.16
C VAL A 159 16.16 6.47 -12.45
N PRO A 160 15.06 6.61 -13.21
CA PRO A 160 14.54 7.95 -13.51
C PRO A 160 14.32 8.75 -12.23
N GLY A 161 14.85 9.97 -12.20
CA GLY A 161 14.69 10.83 -11.04
C GLY A 161 15.92 10.91 -10.15
N PHE A 162 16.90 10.04 -10.38
CA PHE A 162 18.09 10.05 -9.57
C PHE A 162 19.39 10.30 -10.33
N SER A 163 19.32 11.02 -11.44
CA SER A 163 20.54 11.30 -12.19
C SER A 163 21.40 12.33 -11.45
N TRP A 164 20.76 13.06 -10.52
CA TRP A 164 21.42 14.09 -9.72
C TRP A 164 22.22 13.49 -8.56
N VAL A 165 21.88 12.27 -8.16
CA VAL A 165 22.55 11.62 -7.05
C VAL A 165 23.98 11.22 -7.30
N THR A 166 24.83 11.47 -6.30
CA THR A 166 26.24 11.10 -6.33
C THR A 166 26.55 10.51 -4.96
N PRO A 167 26.91 9.22 -4.91
CA PRO A 167 27.23 8.64 -3.60
C PRO A 167 28.20 9.54 -2.84
N CYS A 168 27.87 9.84 -1.59
CA CYS A 168 28.70 10.73 -0.81
C CYS A 168 29.26 10.15 0.49
N ILE A 169 28.92 8.90 0.79
CA ILE A 169 29.41 8.25 2.00
C ILE A 169 29.97 6.87 1.69
N SER A 170 30.97 6.47 2.46
CA SER A 170 31.59 5.17 2.31
C SER A 170 30.98 4.24 3.33
N ALA A 171 31.07 2.94 3.08
CA ALA A 171 30.54 1.94 3.98
C ALA A 171 31.05 2.18 5.41
N LYS A 172 32.28 2.67 5.51
CA LYS A 172 32.93 2.92 6.80
C LYS A 172 32.42 4.15 7.56
N ASP A 173 31.63 5.00 6.91
CA ASP A 173 31.13 6.22 7.53
C ASP A 173 29.71 6.13 8.05
N ILE A 174 29.19 4.92 8.23
CA ILE A 174 27.84 4.78 8.72
C ILE A 174 27.70 3.65 9.72
N VAL A 175 26.85 3.86 10.72
CA VAL A 175 26.61 2.85 11.74
C VAL A 175 25.11 2.64 11.90
N TYR A 176 24.68 1.39 11.81
CA TYR A 176 23.28 1.02 11.97
C TYR A 176 23.03 0.61 13.42
N ILE A 177 21.86 0.97 13.93
CA ILE A 177 21.48 0.61 15.30
C ILE A 177 20.00 0.25 15.34
N GLY A 178 19.69 -0.95 15.85
CA GLY A 178 18.31 -1.39 15.97
C GLY A 178 17.79 -2.40 14.95
N LEU A 179 18.65 -2.82 14.04
CA LEU A 179 18.24 -3.78 13.01
C LEU A 179 17.61 -5.07 13.53
N ARG A 180 16.50 -5.46 12.91
CA ARG A 180 15.81 -6.70 13.27
C ARG A 180 14.99 -7.31 12.13
N ASP A 181 14.98 -6.64 10.97
CA ASP A 181 14.28 -7.15 9.80
C ASP A 181 15.12 -6.76 8.58
N VAL A 182 16.15 -7.56 8.30
CA VAL A 182 17.03 -7.27 7.20
C VAL A 182 16.84 -8.27 6.06
N ASP A 183 16.69 -7.76 4.83
CA ASP A 183 16.50 -8.60 3.66
C ASP A 183 17.81 -9.33 3.33
N PRO A 184 17.72 -10.53 2.71
CA PRO A 184 18.91 -11.32 2.36
C PRO A 184 19.96 -10.55 1.56
N GLY A 185 19.51 -9.85 0.52
CA GLY A 185 20.43 -9.07 -0.29
C GLY A 185 21.05 -7.97 0.55
N GLU A 186 20.27 -7.42 1.47
CA GLU A 186 20.76 -6.36 2.35
C GLU A 186 21.85 -6.89 3.27
N HIS A 187 21.67 -8.11 3.77
CA HIS A 187 22.65 -8.69 4.67
C HIS A 187 23.96 -8.97 3.95
N TYR A 188 23.86 -9.44 2.70
CA TYR A 188 25.03 -9.73 1.89
C TYR A 188 25.90 -8.48 1.80
N ILE A 189 25.26 -7.35 1.52
CA ILE A 189 25.92 -6.05 1.39
C ILE A 189 26.56 -5.67 2.73
N LEU A 190 25.86 -5.96 3.82
CA LEU A 190 26.38 -5.64 5.16
C LEU A 190 27.70 -6.33 5.36
N LYS A 191 27.68 -7.65 5.20
CA LYS A 191 28.85 -8.49 5.39
C LYS A 191 29.92 -8.30 4.32
N THR A 192 29.51 -7.90 3.12
CA THR A 192 30.45 -7.71 2.02
C THR A 192 31.22 -6.38 2.08
N LEU A 193 30.54 -5.32 2.46
CA LEU A 193 31.18 -4.02 2.53
C LEU A 193 31.78 -3.77 3.91
N GLY A 194 31.54 -4.69 4.85
CA GLY A 194 32.07 -4.53 6.18
C GLY A 194 31.45 -3.37 6.94
N ILE A 195 30.15 -3.18 6.75
CA ILE A 195 29.43 -2.09 7.42
C ILE A 195 29.22 -2.36 8.91
N LYS A 196 29.50 -1.34 9.72
CA LYS A 196 29.36 -1.42 11.17
C LYS A 196 27.89 -1.36 11.54
N TYR A 197 27.40 -2.34 12.28
CA TYR A 197 26.00 -2.35 12.68
C TYR A 197 25.81 -3.00 14.03
N PHE A 198 24.73 -2.60 14.69
CA PHE A 198 24.39 -3.16 15.99
C PHE A 198 22.94 -3.53 15.88
N SER A 199 22.67 -4.73 15.41
CA SER A 199 21.30 -5.19 15.28
C SER A 199 20.77 -5.27 16.69
N MET A 200 19.53 -5.70 16.84
CA MET A 200 18.96 -5.82 18.18
C MET A 200 19.73 -6.87 18.96
N THR A 201 20.33 -7.82 18.24
CA THR A 201 21.11 -8.88 18.87
C THR A 201 22.31 -8.28 19.60
N GLU A 202 22.97 -7.31 18.97
CA GLU A 202 24.14 -6.65 19.56
C GLU A 202 23.74 -5.76 20.74
N VAL A 203 22.58 -5.11 20.63
CA VAL A 203 22.11 -4.26 21.70
C VAL A 203 21.80 -5.14 22.91
N ASP A 204 21.24 -6.31 22.67
CA ASP A 204 20.91 -7.21 23.77
C ASP A 204 22.20 -7.69 24.43
N ARG A 205 23.15 -8.07 23.60
CA ARG A 205 24.44 -8.55 24.08
C ARG A 205 25.27 -7.53 24.82
N LEU A 206 25.41 -6.34 24.23
CA LEU A 206 26.27 -5.32 24.83
C LEU A 206 25.58 -4.29 25.72
N GLY A 207 24.31 -4.01 25.46
CA GLY A 207 23.61 -3.00 26.22
C GLY A 207 23.77 -1.74 25.41
N ILE A 208 22.78 -0.86 25.43
CA ILE A 208 22.80 0.37 24.66
C ILE A 208 23.96 1.31 25.01
N GLY A 209 24.45 1.24 26.25
CA GLY A 209 25.55 2.08 26.65
C GLY A 209 26.82 1.76 25.87
N LYS A 210 27.22 0.49 25.86
CA LYS A 210 28.40 0.08 25.11
C LYS A 210 28.16 0.26 23.61
N VAL A 211 26.94 -0.04 23.17
CA VAL A 211 26.57 0.11 21.77
C VAL A 211 26.89 1.53 21.30
N MET A 212 26.42 2.51 22.06
CA MET A 212 26.64 3.90 21.73
C MET A 212 28.11 4.29 21.86
N GLU A 213 28.78 3.72 22.85
CA GLU A 213 30.19 4.03 23.03
C GLU A 213 30.93 3.60 21.77
N GLU A 214 30.67 2.36 21.33
CA GLU A 214 31.30 1.81 20.14
C GLU A 214 30.92 2.55 18.87
N THR A 215 29.69 3.04 18.82
CA THR A 215 29.22 3.78 17.65
C THR A 215 29.98 5.08 17.46
N LEU A 216 30.02 5.90 18.51
CA LEU A 216 30.69 7.20 18.48
C LEU A 216 32.21 7.05 18.35
N SER A 217 32.74 5.99 18.96
CA SER A 217 34.18 5.73 18.92
C SER A 217 34.56 5.29 17.53
N TYR A 218 33.68 4.52 16.90
CA TYR A 218 33.90 4.03 15.55
C TYR A 218 33.85 5.16 14.53
N LEU A 219 32.89 6.07 14.68
CA LEU A 219 32.76 7.19 13.76
C LEU A 219 33.64 8.40 14.10
N LEU A 220 33.83 8.68 15.37
CA LEU A 220 34.62 9.84 15.78
C LEU A 220 36.04 9.49 16.23
N GLY A 221 36.33 8.20 16.29
CA GLY A 221 37.65 7.75 16.72
C GLY A 221 38.81 8.50 16.11
N ARG A 222 39.10 8.23 14.83
CA ARG A 222 40.21 8.90 14.15
C ARG A 222 40.17 10.41 14.36
N LYS A 223 39.03 11.02 14.08
CA LYS A 223 38.86 12.46 14.25
C LYS A 223 37.40 12.84 14.37
N LYS A 224 37.15 14.07 14.80
CA LYS A 224 35.79 14.56 14.94
C LYS A 224 35.28 15.05 13.60
N ARG A 225 33.99 14.85 13.37
CA ARG A 225 33.33 15.28 12.14
C ARG A 225 31.82 15.34 12.35
N PRO A 226 31.11 16.13 11.54
CA PRO A 226 29.66 16.27 11.66
C PRO A 226 28.93 14.93 11.66
N ILE A 227 27.90 14.85 12.51
CA ILE A 227 27.10 13.63 12.63
C ILE A 227 25.73 13.83 12.01
N HIS A 228 25.32 12.86 11.18
CA HIS A 228 24.00 12.90 10.58
C HIS A 228 23.25 11.73 11.20
N LEU A 229 22.17 12.01 11.90
CA LEU A 229 21.37 10.95 12.53
C LEU A 229 20.09 10.78 11.74
N SER A 230 19.93 9.63 11.10
CA SER A 230 18.71 9.36 10.35
C SER A 230 17.89 8.42 11.22
N PHE A 231 16.90 8.97 11.93
CA PHE A 231 16.09 8.18 12.84
C PHE A 231 14.73 7.75 12.28
N ASP A 232 14.60 6.46 11.99
CA ASP A 232 13.35 5.90 11.49
C ASP A 232 12.61 5.50 12.77
N VAL A 233 11.42 6.04 12.96
CA VAL A 233 10.65 5.74 14.17
C VAL A 233 10.34 4.26 14.37
N ASP A 234 10.37 3.46 13.32
CA ASP A 234 10.09 2.04 13.50
C ASP A 234 11.30 1.31 14.06
N GLY A 235 12.34 2.10 14.38
CA GLY A 235 13.54 1.54 14.97
C GLY A 235 13.17 1.24 16.40
N LEU A 236 12.30 2.07 16.97
CA LEU A 236 11.84 1.85 18.34
C LEU A 236 10.75 0.81 18.29
N ASP A 237 10.57 0.08 19.38
CA ASP A 237 9.55 -0.95 19.45
C ASP A 237 8.18 -0.36 19.11
N PRO A 238 7.32 -1.16 18.45
CA PRO A 238 5.98 -0.69 18.09
C PRO A 238 5.11 -0.28 19.29
N SER A 239 5.55 -0.67 20.49
CA SER A 239 4.82 -0.33 21.71
C SER A 239 4.92 1.17 21.99
N PHE A 240 5.93 1.80 21.38
CA PHE A 240 6.18 3.24 21.55
C PHE A 240 5.87 4.04 20.28
N THR A 241 6.06 3.42 19.12
CA THR A 241 5.79 4.11 17.86
C THR A 241 5.02 3.20 16.91
N PRO A 242 3.75 2.90 17.25
CA PRO A 242 2.89 2.04 16.45
C PRO A 242 2.45 2.60 15.10
N ALA A 243 2.16 3.90 15.05
CA ALA A 243 1.72 4.55 13.83
C ALA A 243 2.89 4.75 12.87
N THR A 244 3.31 3.65 12.26
CA THR A 244 4.41 3.68 11.32
C THR A 244 4.15 2.58 10.30
N GLY A 245 4.64 2.76 9.07
CA GLY A 245 4.38 1.79 8.02
C GLY A 245 4.90 0.36 8.16
N THR A 246 6.15 0.21 8.58
CA THR A 246 6.75 -1.10 8.71
C THR A 246 7.25 -1.40 10.12
N PRO A 247 6.32 -1.60 11.07
CA PRO A 247 6.71 -1.90 12.46
C PRO A 247 7.21 -3.34 12.62
N VAL A 248 8.12 -3.53 13.57
CA VAL A 248 8.69 -4.86 13.86
C VAL A 248 8.86 -4.97 15.36
N VAL A 249 8.29 -6.02 15.95
CA VAL A 249 8.39 -6.21 17.40
C VAL A 249 9.82 -6.50 17.83
N GLY A 250 10.09 -6.24 19.11
CA GLY A 250 11.43 -6.46 19.64
C GLY A 250 12.33 -5.29 19.30
N GLY A 251 11.78 -4.08 19.34
CA GLY A 251 12.58 -2.92 19.01
C GLY A 251 13.23 -2.23 20.18
N LEU A 252 13.95 -1.15 19.88
CA LEU A 252 14.64 -0.35 20.89
C LEU A 252 13.59 0.25 21.82
N THR A 253 13.90 0.31 23.10
CA THR A 253 12.96 0.89 24.04
C THR A 253 12.96 2.40 23.95
N TYR A 254 11.94 2.99 24.58
CA TYR A 254 11.78 4.43 24.64
C TYR A 254 13.06 4.96 25.30
N ARG A 255 13.49 4.27 26.34
CA ARG A 255 14.69 4.62 27.08
C ARG A 255 15.94 4.53 26.22
N GLU A 256 16.09 3.43 25.47
CA GLU A 256 17.24 3.27 24.60
C GLU A 256 17.19 4.33 23.51
N GLY A 257 15.99 4.63 23.03
CA GLY A 257 15.84 5.65 22.02
C GLY A 257 16.37 6.98 22.52
N LEU A 258 16.02 7.33 23.77
CA LEU A 258 16.46 8.58 24.37
C LEU A 258 17.94 8.54 24.72
N TYR A 259 18.44 7.35 25.04
CA TYR A 259 19.85 7.22 25.38
C TYR A 259 20.70 7.51 24.15
N ILE A 260 20.33 6.89 23.03
CA ILE A 260 21.03 7.08 21.76
C ILE A 260 21.19 8.57 21.47
N THR A 261 20.06 9.27 21.46
CA THR A 261 20.01 10.70 21.16
C THR A 261 20.68 11.59 22.20
N GLU A 262 20.55 11.25 23.48
CA GLU A 262 21.20 12.03 24.54
C GLU A 262 22.70 11.95 24.33
N GLU A 263 23.19 10.75 24.04
CA GLU A 263 24.63 10.57 23.81
C GLU A 263 25.10 11.30 22.55
N ILE A 264 24.30 11.23 21.50
CA ILE A 264 24.66 11.90 20.26
C ILE A 264 24.69 13.39 20.51
N TYR A 265 23.76 13.87 21.33
CA TYR A 265 23.70 15.29 21.64
C TYR A 265 24.95 15.72 22.39
N LYS A 266 25.35 14.89 23.35
CA LYS A 266 26.52 15.16 24.18
C LYS A 266 27.82 15.27 23.38
N THR A 267 27.84 14.73 22.16
CA THR A 267 29.04 14.82 21.34
C THR A 267 29.22 16.25 20.86
N GLY A 268 28.11 16.97 20.75
CA GLY A 268 28.14 18.34 20.28
C GLY A 268 28.40 18.34 18.79
N LEU A 269 28.29 17.17 18.18
CA LEU A 269 28.53 17.04 16.75
C LEU A 269 27.28 16.79 15.89
N LEU A 270 26.11 16.72 16.51
CA LEU A 270 24.91 16.49 15.71
C LEU A 270 24.87 17.62 14.68
N SER A 271 24.83 17.25 13.41
CA SER A 271 24.84 18.23 12.32
C SER A 271 23.58 18.12 11.47
N GLY A 272 23.07 16.89 11.34
CA GLY A 272 21.87 16.68 10.56
C GLY A 272 20.99 15.66 11.25
N LEU A 273 19.69 15.89 11.26
CA LEU A 273 18.75 14.98 11.90
C LEU A 273 17.51 14.70 11.03
N ASP A 274 17.12 13.44 10.96
CA ASP A 274 15.94 13.01 10.20
C ASP A 274 15.00 12.29 11.16
N ILE A 275 13.73 12.69 11.17
CA ILE A 275 12.72 12.02 12.00
C ILE A 275 11.75 11.49 10.94
N MET A 276 11.91 10.21 10.62
CA MET A 276 11.12 9.59 9.56
C MET A 276 10.15 8.48 9.92
N GLU A 277 9.27 8.23 8.96
CA GLU A 277 8.26 7.19 9.02
C GLU A 277 7.09 7.32 10.02
N VAL A 278 6.83 8.53 10.49
CA VAL A 278 5.71 8.73 11.41
C VAL A 278 4.47 8.86 10.51
N ASN A 279 3.52 7.92 10.64
CA ASN A 279 2.30 7.92 9.83
C ASN A 279 1.06 7.88 10.73
N PRO A 280 0.46 9.05 11.01
CA PRO A 280 -0.75 9.16 11.85
C PRO A 280 -1.92 8.29 11.41
N SER A 281 -2.02 8.06 10.10
CA SER A 281 -3.11 7.24 9.55
C SER A 281 -3.06 5.79 9.99
N LEU A 282 -1.88 5.31 10.35
CA LEU A 282 -1.72 3.91 10.75
C LEU A 282 -1.95 3.62 12.23
N GLY A 283 -2.35 4.64 12.97
CA GLY A 283 -2.62 4.45 14.38
C GLY A 283 -3.96 3.76 14.54
N LYS A 284 -3.95 2.59 15.17
CA LYS A 284 -5.17 1.82 15.38
C LYS A 284 -6.14 2.52 16.32
N THR A 285 -5.65 3.57 16.99
CA THR A 285 -6.46 4.35 17.92
C THR A 285 -5.86 5.75 17.98
N PRO A 286 -6.65 6.75 18.41
CA PRO A 286 -6.10 8.11 18.48
C PRO A 286 -4.91 8.16 19.44
N GLU A 287 -4.90 7.25 20.41
CA GLU A 287 -3.83 7.18 21.39
C GLU A 287 -2.54 6.62 20.78
N GLU A 288 -2.67 5.75 19.78
CA GLU A 288 -1.48 5.19 19.14
C GLU A 288 -0.82 6.30 18.35
N VAL A 289 -1.62 7.24 17.86
CA VAL A 289 -1.10 8.38 17.12
C VAL A 289 -0.34 9.29 18.05
N THR A 290 -0.97 9.70 19.16
CA THR A 290 -0.31 10.58 20.11
C THR A 290 0.92 9.91 20.71
N ARG A 291 0.80 8.62 21.03
CA ARG A 291 1.92 7.87 21.60
C ARG A 291 3.11 7.92 20.65
N THR A 292 2.84 7.70 19.36
CA THR A 292 3.88 7.72 18.35
C THR A 292 4.51 9.09 18.19
N VAL A 293 3.65 10.10 17.99
CA VAL A 293 4.11 11.48 17.84
C VAL A 293 4.84 11.97 19.10
N ASN A 294 4.30 11.65 20.28
CA ASN A 294 4.93 12.08 21.52
C ASN A 294 6.35 11.53 21.64
N THR A 295 6.50 10.25 21.34
CA THR A 295 7.81 9.61 21.41
C THR A 295 8.73 10.25 20.38
N ALA A 296 8.20 10.54 19.20
CA ALA A 296 9.00 11.17 18.14
C ALA A 296 9.50 12.54 18.59
N VAL A 297 8.66 13.26 19.33
CA VAL A 297 9.06 14.58 19.82
C VAL A 297 10.16 14.46 20.87
N ALA A 298 9.98 13.50 21.78
CA ALA A 298 10.92 13.24 22.85
C ALA A 298 12.31 12.95 22.31
N ILE A 299 12.37 12.08 21.31
CA ILE A 299 13.63 11.72 20.68
C ILE A 299 14.26 12.97 20.09
N THR A 300 13.45 13.78 19.42
CA THR A 300 13.94 15.00 18.80
C THR A 300 14.50 15.93 19.87
N LEU A 301 13.71 16.17 20.91
CA LEU A 301 14.11 17.06 21.99
C LEU A 301 15.40 16.62 22.68
N ALA A 302 15.62 15.31 22.78
CA ALA A 302 16.84 14.78 23.39
C ALA A 302 18.04 15.08 22.48
N CYS A 303 17.83 15.03 21.17
CA CYS A 303 18.90 15.29 20.22
C CYS A 303 19.44 16.69 20.41
N PHE A 304 18.58 17.58 20.89
CA PHE A 304 18.96 18.97 21.07
C PHE A 304 19.18 19.44 22.49
N GLY A 305 19.46 18.51 23.40
CA GLY A 305 19.75 18.91 24.77
C GLY A 305 18.91 18.42 25.92
N LEU A 306 17.64 18.07 25.69
CA LEU A 306 16.83 17.61 26.80
C LEU A 306 17.39 16.33 27.42
N ALA A 307 17.89 16.46 28.64
CA ALA A 307 18.46 15.33 29.37
C ALA A 307 17.52 14.87 30.48
N ARG A 308 17.39 13.55 30.63
CA ARG A 308 16.52 13.01 31.66
C ARG A 308 16.96 13.35 33.08
N GLU A 309 18.27 13.56 33.28
CA GLU A 309 18.78 13.90 34.61
C GLU A 309 18.42 15.35 34.95
N GLY A 310 18.01 16.10 33.93
CA GLY A 310 17.63 17.48 34.13
C GLY A 310 18.50 18.44 33.36
N ASN A 311 18.01 19.68 33.24
CA ASN A 311 18.70 20.76 32.54
C ASN A 311 18.54 22.02 33.38
N HIS A 312 19.53 22.90 33.37
CA HIS A 312 19.42 24.16 34.08
C HIS A 312 20.26 25.23 33.39
N LYS A 313 19.75 26.45 33.35
CA LYS A 313 20.44 27.55 32.71
C LYS A 313 21.67 27.96 33.51
N PRO A 314 22.62 28.67 32.86
CA PRO A 314 23.84 29.11 33.55
C PRO A 314 23.55 30.21 34.58
N ILE A 315 22.70 29.88 35.55
CA ILE A 315 22.31 30.80 36.61
C ILE A 315 22.43 30.12 37.97
N ASP A 316 22.37 30.91 39.04
CA ASP A 316 22.43 30.38 40.39
C ASP A 316 20.98 30.34 40.89
N TYR A 317 20.34 29.19 40.73
CA TYR A 317 18.94 29.01 41.14
C TYR A 317 18.63 29.19 42.62
N LEU A 318 19.63 29.15 43.48
CA LEU A 318 19.41 29.33 44.91
C LEU A 318 19.56 30.79 45.28
N ASN A 319 20.47 31.47 44.58
CA ASN A 319 20.72 32.89 44.80
C ASN A 319 21.15 33.18 46.22
N SER B 5 -6.22 -28.69 -20.64
CA SER B 5 -7.34 -27.78 -21.05
C SER B 5 -7.47 -26.61 -20.09
N ARG B 6 -8.69 -26.39 -19.59
CA ARG B 6 -8.97 -25.31 -18.65
C ARG B 6 -10.46 -25.38 -18.35
N THR B 7 -10.81 -26.12 -17.31
CA THR B 7 -12.19 -26.33 -16.90
C THR B 7 -12.89 -25.11 -16.31
N ILE B 8 -14.19 -25.04 -16.51
CA ILE B 8 -15.01 -23.94 -15.99
C ILE B 8 -16.03 -24.52 -15.01
N GLY B 9 -16.33 -23.75 -13.98
CA GLY B 9 -17.31 -24.17 -12.99
C GLY B 9 -18.27 -23.02 -12.74
N ILE B 10 -19.43 -23.10 -13.38
CA ILE B 10 -20.44 -22.05 -13.24
C ILE B 10 -21.25 -22.15 -11.95
N ILE B 11 -21.53 -20.99 -11.37
CA ILE B 11 -22.31 -20.92 -10.15
C ILE B 11 -23.28 -19.75 -10.29
N GLY B 12 -24.58 -20.06 -10.22
CA GLY B 12 -25.57 -19.01 -10.31
C GLY B 12 -25.74 -18.43 -8.93
N ALA B 13 -25.74 -17.10 -8.84
CA ALA B 13 -25.89 -16.44 -7.55
C ALA B 13 -26.97 -15.37 -7.64
N PRO B 14 -28.24 -15.81 -7.74
CA PRO B 14 -29.39 -14.91 -7.83
C PRO B 14 -29.70 -14.27 -6.47
N PHE B 15 -28.94 -13.22 -6.13
CA PHE B 15 -29.09 -12.51 -4.85
C PHE B 15 -29.09 -11.01 -5.10
N SER B 16 -29.92 -10.28 -4.36
CA SER B 16 -30.02 -8.84 -4.54
C SER B 16 -30.08 -8.02 -3.25
N LYS B 17 -30.14 -8.68 -2.10
CA LYS B 17 -30.24 -7.95 -0.84
C LYS B 17 -29.02 -7.12 -0.41
N GLY B 18 -27.94 -7.17 -1.19
CA GLY B 18 -26.77 -6.38 -0.88
C GLY B 18 -27.03 -4.96 -1.37
N GLN B 19 -28.14 -4.78 -2.07
CA GLN B 19 -28.53 -3.47 -2.61
C GLN B 19 -30.06 -3.35 -2.75
N PRO B 20 -30.57 -2.11 -2.92
CA PRO B 20 -31.99 -1.75 -3.06
C PRO B 20 -32.81 -2.22 -4.27
N ARG B 21 -32.21 -2.21 -5.45
CA ARG B 21 -32.90 -2.59 -6.67
C ARG B 21 -32.97 -4.07 -6.98
N GLY B 22 -34.17 -4.63 -6.90
CA GLY B 22 -34.35 -6.04 -7.21
C GLY B 22 -34.23 -6.22 -8.71
N GLY B 23 -33.95 -7.44 -9.14
CA GLY B 23 -33.81 -7.69 -10.57
C GLY B 23 -32.42 -8.20 -10.85
N VAL B 24 -31.45 -7.69 -10.09
CA VAL B 24 -30.07 -8.12 -10.28
C VAL B 24 -29.98 -9.62 -9.98
N GLU B 25 -31.02 -10.16 -9.35
CA GLU B 25 -31.02 -11.60 -9.03
C GLU B 25 -31.42 -12.40 -10.28
N GLU B 26 -31.77 -11.68 -11.34
CA GLU B 26 -32.14 -12.31 -12.60
C GLU B 26 -30.90 -12.42 -13.48
N GLY B 27 -29.79 -11.89 -12.99
CA GLY B 27 -28.55 -11.94 -13.74
C GLY B 27 -28.16 -13.32 -14.22
N PRO B 28 -28.15 -14.34 -13.35
CA PRO B 28 -27.77 -15.70 -13.78
C PRO B 28 -28.67 -16.25 -14.89
N THR B 29 -29.93 -15.82 -14.89
CA THR B 29 -30.90 -16.29 -15.88
C THR B 29 -30.69 -15.71 -17.27
N VAL B 30 -30.65 -14.39 -17.37
CA VAL B 30 -30.47 -13.75 -18.67
C VAL B 30 -29.09 -14.06 -19.24
N LEU B 31 -28.10 -14.21 -18.37
CA LEU B 31 -26.75 -14.54 -18.83
C LEU B 31 -26.79 -15.92 -19.47
N ARG B 32 -27.46 -16.86 -18.79
CA ARG B 32 -27.59 -18.22 -19.32
C ARG B 32 -28.47 -18.21 -20.56
N LYS B 33 -29.57 -17.47 -20.48
CA LYS B 33 -30.49 -17.36 -21.62
C LYS B 33 -29.75 -16.80 -22.82
N ALA B 34 -28.68 -16.03 -22.54
CA ALA B 34 -27.87 -15.42 -23.60
C ALA B 34 -26.98 -16.43 -24.32
N GLY B 35 -26.91 -17.64 -23.80
CA GLY B 35 -26.11 -18.68 -24.42
C GLY B 35 -24.66 -18.73 -23.97
N LEU B 36 -24.40 -18.20 -22.78
CA LEU B 36 -23.05 -18.18 -22.23
C LEU B 36 -22.41 -19.56 -22.21
N LEU B 37 -23.11 -20.54 -21.67
CA LEU B 37 -22.59 -21.90 -21.59
C LEU B 37 -22.29 -22.47 -22.96
N GLU B 38 -23.20 -22.27 -23.91
CA GLU B 38 -22.99 -22.78 -25.26
C GLU B 38 -21.74 -22.13 -25.85
N LYS B 39 -21.64 -20.82 -25.73
CA LYS B 39 -20.51 -20.07 -26.27
C LYS B 39 -19.20 -20.45 -25.60
N LEU B 40 -19.24 -20.77 -24.32
CA LEU B 40 -18.04 -21.17 -23.61
C LEU B 40 -17.64 -22.56 -24.09
N LYS B 41 -18.65 -23.39 -24.35
CA LYS B 41 -18.41 -24.75 -24.84
C LYS B 41 -17.98 -24.74 -26.29
N GLU B 42 -18.37 -23.70 -27.02
CA GLU B 42 -18.00 -23.56 -28.42
C GLU B 42 -16.51 -23.25 -28.53
N GLN B 43 -15.91 -22.92 -27.39
CA GLN B 43 -14.49 -22.62 -27.33
C GLN B 43 -13.77 -23.80 -26.68
N GLU B 44 -12.49 -23.64 -26.36
CA GLU B 44 -11.73 -24.72 -25.73
C GLU B 44 -12.02 -24.80 -24.24
N CYS B 45 -13.31 -24.82 -23.89
CA CYS B 45 -13.71 -24.87 -22.49
C CYS B 45 -14.47 -26.14 -22.10
N ASP B 46 -14.15 -26.65 -20.91
CA ASP B 46 -14.83 -27.82 -20.36
C ASP B 46 -15.74 -27.20 -19.31
N VAL B 47 -17.00 -27.03 -19.66
CA VAL B 47 -17.94 -26.38 -18.76
C VAL B 47 -18.85 -27.31 -17.94
N LYS B 48 -18.98 -26.98 -16.66
CA LYS B 48 -19.83 -27.73 -15.73
C LYS B 48 -20.66 -26.71 -14.96
N ASP B 49 -21.97 -26.75 -15.13
CA ASP B 49 -22.82 -25.81 -14.42
C ASP B 49 -23.24 -26.37 -13.07
N TYR B 50 -22.76 -25.76 -12.00
CA TYR B 50 -23.10 -26.20 -10.65
C TYR B 50 -24.46 -25.68 -10.24
N GLY B 51 -25.18 -25.12 -11.22
CA GLY B 51 -26.51 -24.59 -10.98
C GLY B 51 -26.56 -23.28 -10.22
N ASP B 52 -27.77 -22.83 -9.91
CA ASP B 52 -27.98 -21.60 -9.17
C ASP B 52 -28.13 -21.94 -7.70
N LEU B 53 -27.41 -21.24 -6.84
CA LEU B 53 -27.49 -21.48 -5.40
C LEU B 53 -28.84 -21.00 -4.90
N PRO B 54 -29.49 -21.80 -4.04
CA PRO B 54 -30.79 -21.42 -3.48
C PRO B 54 -30.59 -20.61 -2.21
N PHE B 55 -30.93 -19.33 -2.26
CA PHE B 55 -30.79 -18.45 -1.10
C PHE B 55 -32.15 -18.27 -0.41
N ALA B 56 -32.41 -19.09 0.60
CA ALA B 56 -33.68 -19.00 1.33
C ALA B 56 -33.72 -17.68 2.08
N ASP B 57 -34.61 -16.78 1.66
CA ASP B 57 -34.73 -15.48 2.30
C ASP B 57 -34.90 -15.65 3.80
N ILE B 58 -34.10 -14.92 4.57
CA ILE B 58 -34.13 -14.97 6.03
C ILE B 58 -35.19 -14.02 6.59
N PRO B 59 -36.35 -14.57 6.99
CA PRO B 59 -37.52 -13.87 7.57
C PRO B 59 -37.25 -12.67 8.46
N ASN B 60 -36.70 -12.91 9.66
CA ASN B 60 -36.42 -11.83 10.58
C ASN B 60 -34.97 -11.35 10.43
N ASP B 61 -34.74 -10.46 9.47
CA ASP B 61 -33.41 -9.93 9.21
C ASP B 61 -33.34 -8.42 9.47
N SER B 62 -33.38 -8.05 10.74
CA SER B 62 -33.33 -6.66 11.14
C SER B 62 -31.94 -6.08 10.87
N PRO B 63 -31.87 -4.76 10.61
CA PRO B 63 -30.61 -4.07 10.33
C PRO B 63 -29.57 -4.07 11.45
N PHE B 64 -28.35 -3.70 11.07
CA PHE B 64 -27.22 -3.56 11.97
C PHE B 64 -26.85 -2.09 11.71
N GLN B 65 -27.24 -1.20 12.62
CA GLN B 65 -27.00 0.22 12.42
C GLN B 65 -27.79 0.54 11.14
N ILE B 66 -27.11 1.08 10.13
CA ILE B 66 -27.81 1.41 8.88
C ILE B 66 -27.64 0.31 7.83
N VAL B 67 -26.89 -0.74 8.17
CA VAL B 67 -26.65 -1.85 7.25
C VAL B 67 -27.88 -2.75 7.10
N LYS B 68 -28.37 -2.87 5.87
CA LYS B 68 -29.56 -3.65 5.57
C LYS B 68 -29.30 -5.10 5.17
N ASN B 69 -30.24 -5.96 5.53
CA ASN B 69 -30.20 -7.39 5.23
C ASN B 69 -28.83 -8.01 5.50
N PRO B 70 -28.22 -7.72 6.65
CA PRO B 70 -26.90 -8.26 7.00
C PRO B 70 -26.85 -9.79 7.07
N ARG B 71 -27.93 -10.40 7.55
CA ARG B 71 -28.01 -11.84 7.68
C ARG B 71 -28.15 -12.52 6.32
N SER B 72 -29.04 -12.00 5.49
CA SER B 72 -29.27 -12.57 4.16
C SER B 72 -27.97 -12.49 3.37
N VAL B 73 -27.35 -11.31 3.39
CA VAL B 73 -26.10 -11.07 2.67
C VAL B 73 -25.03 -12.02 3.18
N GLY B 74 -24.74 -11.92 4.48
CA GLY B 74 -23.73 -12.79 5.05
C GLY B 74 -23.99 -14.25 4.72
N LYS B 75 -25.22 -14.69 4.91
CA LYS B 75 -25.59 -16.08 4.63
C LYS B 75 -25.45 -16.42 3.15
N ALA B 76 -25.80 -15.48 2.29
CA ALA B 76 -25.71 -15.70 0.85
C ALA B 76 -24.27 -15.89 0.41
N SER B 77 -23.36 -15.10 0.99
CA SER B 77 -21.94 -15.18 0.65
C SER B 77 -21.33 -16.42 1.27
N GLU B 78 -21.88 -16.86 2.39
CA GLU B 78 -21.37 -18.03 3.05
C GLU B 78 -21.63 -19.29 2.23
N GLN B 79 -22.85 -19.41 1.70
CA GLN B 79 -23.18 -20.57 0.89
C GLN B 79 -22.31 -20.53 -0.36
N LEU B 80 -22.23 -19.34 -0.95
CA LEU B 80 -21.45 -19.12 -2.17
C LEU B 80 -19.98 -19.46 -2.00
N ALA B 81 -19.42 -19.17 -0.84
CA ALA B 81 -18.01 -19.45 -0.56
C ALA B 81 -17.73 -20.95 -0.52
N GLY B 82 -18.64 -21.70 0.09
CA GLY B 82 -18.46 -23.14 0.16
C GLY B 82 -18.61 -23.77 -1.20
N LYS B 83 -19.33 -23.09 -2.09
CA LYS B 83 -19.56 -23.57 -3.46
C LYS B 83 -18.38 -23.27 -4.38
N VAL B 84 -17.70 -22.15 -4.13
CA VAL B 84 -16.54 -21.75 -4.92
C VAL B 84 -15.35 -22.63 -4.53
N ALA B 85 -15.28 -22.95 -3.23
CA ALA B 85 -14.20 -23.79 -2.73
C ALA B 85 -14.33 -25.16 -3.37
N GLU B 86 -15.58 -25.64 -3.45
CA GLU B 86 -15.88 -26.92 -4.04
C GLU B 86 -15.43 -26.92 -5.50
N VAL B 87 -15.85 -25.90 -6.24
CA VAL B 87 -15.50 -25.78 -7.65
C VAL B 87 -13.98 -25.75 -7.82
N LYS B 88 -13.30 -24.99 -6.98
CA LYS B 88 -11.84 -24.91 -7.06
C LYS B 88 -11.21 -26.25 -6.75
N LYS B 89 -11.78 -26.99 -5.80
CA LYS B 89 -11.28 -28.30 -5.43
C LYS B 89 -11.43 -29.25 -6.61
N ASN B 90 -12.44 -29.01 -7.43
CA ASN B 90 -12.70 -29.83 -8.61
C ASN B 90 -11.78 -29.41 -9.75
N GLY B 91 -10.74 -28.64 -9.42
CA GLY B 91 -9.80 -28.17 -10.43
C GLY B 91 -10.41 -27.30 -11.52
N ARG B 92 -11.46 -26.56 -11.16
CA ARG B 92 -12.14 -25.70 -12.12
C ARG B 92 -12.08 -24.22 -11.74
N ILE B 93 -12.17 -23.37 -12.75
CA ILE B 93 -12.19 -21.93 -12.56
C ILE B 93 -13.62 -21.61 -12.16
N SER B 94 -13.82 -21.00 -10.99
CA SER B 94 -15.16 -20.66 -10.54
C SER B 94 -15.67 -19.44 -11.30
N LEU B 95 -16.87 -19.57 -11.86
CA LEU B 95 -17.48 -18.49 -12.63
C LEU B 95 -18.79 -18.08 -11.95
N VAL B 96 -18.72 -17.10 -11.05
CA VAL B 96 -19.92 -16.66 -10.36
C VAL B 96 -20.70 -15.60 -11.11
N LEU B 97 -21.96 -15.91 -11.37
CA LEU B 97 -22.85 -15.00 -12.08
C LEU B 97 -23.73 -14.32 -11.04
N GLY B 98 -23.50 -13.04 -10.80
CA GLY B 98 -24.29 -12.32 -9.82
C GLY B 98 -25.61 -11.85 -10.42
N GLY B 99 -26.49 -11.27 -9.59
CA GLY B 99 -26.20 -11.08 -8.18
C GLY B 99 -25.44 -9.79 -7.93
N ASP B 100 -25.70 -9.13 -6.79
CA ASP B 100 -25.01 -7.89 -6.47
C ASP B 100 -23.61 -8.18 -5.91
N HIS B 101 -22.74 -7.17 -5.98
CA HIS B 101 -21.35 -7.31 -5.54
C HIS B 101 -21.05 -7.69 -4.10
N SER B 102 -22.08 -7.77 -3.24
CA SER B 102 -21.80 -8.16 -1.86
C SER B 102 -21.33 -9.61 -1.89
N LEU B 103 -21.82 -10.35 -2.87
CA LEU B 103 -21.47 -11.76 -3.04
C LEU B 103 -19.96 -11.97 -3.16
N ALA B 104 -19.22 -10.93 -3.50
CA ALA B 104 -17.77 -11.04 -3.65
C ALA B 104 -17.13 -11.55 -2.37
N ILE B 105 -17.77 -11.28 -1.24
CA ILE B 105 -17.21 -11.72 0.03
C ILE B 105 -17.15 -13.25 0.00
N GLY B 106 -18.24 -13.88 -0.43
CA GLY B 106 -18.27 -15.33 -0.50
C GLY B 106 -17.42 -15.93 -1.60
N SER B 107 -17.41 -15.31 -2.78
CA SER B 107 -16.65 -15.79 -3.92
C SER B 107 -15.15 -15.78 -3.63
N ILE B 108 -14.64 -14.63 -3.23
CA ILE B 108 -13.22 -14.48 -2.94
C ILE B 108 -12.81 -15.31 -1.72
N SER B 109 -13.68 -15.35 -0.70
CA SER B 109 -13.39 -16.13 0.50
C SER B 109 -13.27 -17.62 0.16
N GLY B 110 -14.31 -18.15 -0.47
CA GLY B 110 -14.32 -19.56 -0.85
C GLY B 110 -13.17 -19.90 -1.78
N HIS B 111 -12.77 -18.92 -2.59
CA HIS B 111 -11.67 -19.09 -3.53
C HIS B 111 -10.36 -19.16 -2.76
N ALA B 112 -10.15 -18.17 -1.87
CA ALA B 112 -8.93 -18.10 -1.08
C ALA B 112 -8.76 -19.27 -0.10
N ARG B 113 -9.84 -20.03 0.09
CA ARG B 113 -9.79 -21.18 0.98
C ARG B 113 -9.03 -22.31 0.31
N VAL B 114 -9.02 -22.31 -1.02
CA VAL B 114 -8.30 -23.33 -1.76
C VAL B 114 -6.99 -22.73 -2.28
N HIS B 115 -7.03 -21.46 -2.66
CA HIS B 115 -5.85 -20.77 -3.17
C HIS B 115 -5.67 -19.46 -2.38
N PRO B 116 -5.15 -19.56 -1.16
CA PRO B 116 -4.92 -18.40 -0.29
C PRO B 116 -3.87 -17.43 -0.79
N ASP B 117 -3.21 -17.78 -1.89
CA ASP B 117 -2.18 -16.93 -2.47
C ASP B 117 -2.71 -16.13 -3.67
N LEU B 118 -4.03 -16.13 -3.86
CA LEU B 118 -4.64 -15.43 -4.98
C LEU B 118 -4.48 -13.91 -4.95
N GLY B 119 -4.43 -13.33 -6.15
CA GLY B 119 -4.32 -11.89 -6.29
C GLY B 119 -5.66 -11.45 -6.83
N VAL B 120 -6.12 -10.26 -6.46
CA VAL B 120 -7.43 -9.78 -6.93
C VAL B 120 -7.41 -8.58 -7.85
N ILE B 121 -8.20 -8.66 -8.92
CA ILE B 121 -8.34 -7.55 -9.86
C ILE B 121 -9.82 -7.18 -9.73
N TRP B 122 -10.07 -5.92 -9.38
CA TRP B 122 -11.42 -5.44 -9.16
C TRP B 122 -11.81 -4.37 -10.18
N VAL B 123 -12.50 -4.78 -11.22
CA VAL B 123 -12.95 -3.85 -12.24
C VAL B 123 -14.26 -3.28 -11.73
N ASP B 124 -14.32 -1.97 -11.60
CA ASP B 124 -15.53 -1.38 -11.03
C ASP B 124 -15.47 0.13 -11.02
N ALA B 125 -16.63 0.78 -11.08
CA ALA B 125 -16.67 2.22 -11.03
C ALA B 125 -16.50 2.60 -9.55
N HIS B 126 -16.69 1.62 -8.67
CA HIS B 126 -16.59 1.82 -7.22
C HIS B 126 -15.60 0.89 -6.53
N THR B 127 -15.06 1.32 -5.39
CA THR B 127 -14.11 0.51 -4.62
C THR B 127 -14.82 -0.54 -3.77
N ASP B 128 -16.10 -0.29 -3.46
CA ASP B 128 -16.88 -1.22 -2.64
C ASP B 128 -16.12 -1.58 -1.37
N ILE B 129 -15.41 -0.61 -0.82
CA ILE B 129 -14.61 -0.86 0.37
C ILE B 129 -15.12 -0.13 1.61
N ASN B 130 -16.41 0.19 1.61
CA ASN B 130 -17.02 0.84 2.75
C ASN B 130 -17.14 -0.18 3.88
N THR B 131 -16.88 0.24 5.11
CA THR B 131 -17.02 -0.66 6.25
C THR B 131 -18.45 -0.41 6.72
N PRO B 132 -18.93 -1.24 7.65
CA PRO B 132 -20.31 -1.04 8.14
C PRO B 132 -20.46 0.28 8.89
N LEU B 133 -19.32 0.83 9.31
CA LEU B 133 -19.29 2.08 10.05
C LEU B 133 -18.98 3.30 9.20
N THR B 134 -18.45 3.10 7.99
CA THR B 134 -18.16 4.24 7.11
C THR B 134 -19.24 4.38 6.04
N THR B 135 -20.06 3.35 5.89
CA THR B 135 -21.13 3.36 4.90
C THR B 135 -22.23 4.38 5.24
N THR B 136 -22.76 5.02 4.21
CA THR B 136 -23.82 6.00 4.40
C THR B 136 -25.10 5.42 3.81
N SER B 137 -24.96 4.66 2.73
CA SER B 137 -26.09 4.05 2.07
C SER B 137 -26.61 2.87 2.86
N GLY B 138 -25.70 2.13 3.50
CA GLY B 138 -26.08 0.96 4.27
C GLY B 138 -26.19 -0.27 3.40
N ASN B 139 -25.83 -0.14 2.12
CA ASN B 139 -25.89 -1.25 1.19
C ASN B 139 -24.59 -2.04 1.25
N LEU B 140 -24.71 -3.34 1.45
CA LEU B 140 -23.53 -4.21 1.56
C LEU B 140 -22.79 -4.49 0.26
N HIS B 141 -23.40 -4.20 -0.88
CA HIS B 141 -22.72 -4.45 -2.16
C HIS B 141 -21.66 -3.38 -2.37
N GLY B 142 -21.61 -2.43 -1.44
CA GLY B 142 -20.63 -1.36 -1.50
C GLY B 142 -19.68 -1.49 -0.32
N GLN B 143 -19.62 -2.71 0.24
CA GLN B 143 -18.78 -3.02 1.40
C GLN B 143 -18.04 -4.35 1.29
N PRO B 144 -18.22 -5.11 0.19
CA PRO B 144 -17.51 -6.39 0.14
C PRO B 144 -16.00 -6.36 0.45
N VAL B 145 -15.25 -5.48 -0.20
CA VAL B 145 -13.80 -5.44 0.01
C VAL B 145 -13.37 -5.25 1.46
N SER B 146 -14.10 -4.43 2.23
CA SER B 146 -13.74 -4.21 3.64
C SER B 146 -13.73 -5.52 4.43
N PHE B 147 -14.73 -6.36 4.21
CA PHE B 147 -14.83 -7.65 4.91
C PHE B 147 -13.70 -8.60 4.53
N LEU B 148 -13.08 -8.35 3.39
CA LEU B 148 -12.00 -9.21 2.90
C LEU B 148 -10.60 -8.80 3.31
N LEU B 149 -10.30 -7.50 3.27
CA LEU B 149 -8.96 -7.02 3.62
C LEU B 149 -8.54 -7.34 5.06
N LYS B 150 -7.31 -7.84 5.19
CA LYS B 150 -6.77 -8.17 6.50
C LYS B 150 -6.42 -6.91 7.29
N GLU B 151 -5.99 -5.86 6.59
CA GLU B 151 -5.62 -4.61 7.24
C GLU B 151 -6.81 -3.88 7.84
N LEU B 152 -8.01 -4.35 7.53
CA LEU B 152 -9.21 -3.70 8.02
C LEU B 152 -9.94 -4.50 9.10
N LYS B 153 -9.43 -5.68 9.42
CA LYS B 153 -10.06 -6.48 10.47
C LYS B 153 -9.86 -5.63 11.71
N GLY B 154 -10.92 -5.46 12.49
CA GLY B 154 -10.81 -4.63 13.66
C GLY B 154 -11.57 -3.35 13.36
N LYS B 155 -11.69 -3.04 12.08
CA LYS B 155 -12.43 -1.86 11.63
C LYS B 155 -13.81 -2.32 11.21
N ILE B 156 -13.99 -3.64 11.15
CA ILE B 156 -15.26 -4.25 10.78
C ILE B 156 -15.97 -4.76 12.03
N PRO B 157 -17.07 -4.09 12.45
CA PRO B 157 -17.78 -4.54 13.64
C PRO B 157 -18.46 -5.88 13.37
N ASP B 158 -18.74 -6.63 14.43
CA ASP B 158 -19.39 -7.92 14.27
C ASP B 158 -20.82 -7.74 13.78
N VAL B 159 -21.01 -7.95 12.48
CA VAL B 159 -22.33 -7.81 11.87
C VAL B 159 -22.97 -9.18 11.80
N PRO B 160 -24.25 -9.27 12.22
CA PRO B 160 -24.92 -10.58 12.18
C PRO B 160 -24.81 -11.20 10.79
N GLY B 161 -24.46 -12.48 10.75
CA GLY B 161 -24.35 -13.19 9.49
C GLY B 161 -22.97 -13.23 8.86
N PHE B 162 -21.98 -12.64 9.52
CA PHE B 162 -20.62 -12.62 8.97
C PHE B 162 -19.57 -13.21 9.91
N SER B 163 -20.00 -13.81 11.01
CA SER B 163 -19.06 -14.39 11.96
C SER B 163 -18.16 -15.41 11.29
N TRP B 164 -18.59 -15.91 10.13
CA TRP B 164 -17.83 -16.91 9.39
C TRP B 164 -16.70 -16.29 8.58
N VAL B 165 -16.75 -14.98 8.37
CA VAL B 165 -15.75 -14.29 7.56
C VAL B 165 -14.35 -14.13 8.14
N THR B 166 -13.37 -14.47 7.33
CA THR B 166 -11.96 -14.34 7.70
C THR B 166 -11.29 -13.49 6.63
N PRO B 167 -10.86 -12.26 6.97
CA PRO B 167 -10.20 -11.42 5.97
C PRO B 167 -9.09 -12.23 5.31
N CYS B 168 -9.29 -12.58 4.05
CA CYS B 168 -8.36 -13.43 3.33
C CYS B 168 -7.34 -12.77 2.41
N ILE B 169 -7.51 -11.48 2.14
CA ILE B 169 -6.56 -10.82 1.28
C ILE B 169 -5.94 -9.57 1.91
N SER B 170 -4.71 -9.28 1.53
CA SER B 170 -4.01 -8.11 2.05
C SER B 170 -4.20 -6.97 1.07
N ALA B 171 -4.03 -5.75 1.57
CA ALA B 171 -4.18 -4.56 0.74
C ALA B 171 -3.22 -4.60 -0.44
N LYS B 172 -2.09 -5.29 -0.25
CA LYS B 172 -1.07 -5.41 -1.28
C LYS B 172 -1.44 -6.38 -2.39
N ASP B 173 -2.51 -7.15 -2.20
CA ASP B 173 -2.87 -8.15 -3.21
C ASP B 173 -4.13 -7.92 -4.03
N ILE B 174 -4.55 -6.66 -4.14
CA ILE B 174 -5.74 -6.34 -4.91
C ILE B 174 -5.44 -5.12 -5.77
N VAL B 175 -6.05 -5.07 -6.94
CA VAL B 175 -5.87 -3.92 -7.84
C VAL B 175 -7.22 -3.47 -8.36
N TYR B 176 -7.44 -2.16 -8.31
CA TYR B 176 -8.67 -1.57 -8.80
C TYR B 176 -8.49 -1.05 -10.21
N ILE B 177 -9.51 -1.20 -11.04
CA ILE B 177 -9.47 -0.71 -12.41
C ILE B 177 -10.83 -0.12 -12.79
N GLY B 178 -10.85 1.17 -13.13
CA GLY B 178 -12.08 1.80 -13.56
C GLY B 178 -12.78 2.74 -12.58
N LEU B 179 -12.21 2.94 -11.40
CA LEU B 179 -12.83 3.81 -10.38
C LEU B 179 -13.18 5.23 -10.82
N ARG B 180 -14.38 5.67 -10.45
CA ARG B 180 -14.80 7.02 -10.79
C ARG B 180 -15.90 7.58 -9.85
N ASP B 181 -16.25 6.82 -8.82
CA ASP B 181 -17.25 7.26 -7.84
C ASP B 181 -16.92 6.54 -6.53
N VAL B 182 -15.96 7.10 -5.80
CA VAL B 182 -15.48 6.54 -4.54
C VAL B 182 -15.85 7.46 -3.39
N ASP B 183 -16.46 6.91 -2.35
CA ASP B 183 -16.86 7.72 -1.20
C ASP B 183 -15.64 8.29 -0.48
N PRO B 184 -15.82 9.42 0.25
CA PRO B 184 -14.71 10.04 0.98
C PRO B 184 -13.98 9.05 1.89
N GLY B 185 -14.76 8.24 2.60
CA GLY B 185 -14.16 7.26 3.50
C GLY B 185 -13.39 6.20 2.73
N GLU B 186 -13.99 5.73 1.65
CA GLU B 186 -13.35 4.70 0.83
C GLU B 186 -12.03 5.22 0.30
N HIS B 187 -11.99 6.49 -0.08
CA HIS B 187 -10.77 7.08 -0.59
C HIS B 187 -9.70 7.14 0.50
N TYR B 188 -10.11 7.50 1.71
CA TYR B 188 -9.19 7.57 2.83
C TYR B 188 -8.59 6.19 3.05
N ILE B 189 -9.41 5.16 2.87
CA ILE B 189 -8.96 3.78 3.04
C ILE B 189 -8.00 3.40 1.92
N LEU B 190 -8.34 3.77 0.69
CA LEU B 190 -7.49 3.48 -0.47
C LEU B 190 -6.07 4.03 -0.25
N LYS B 191 -6.03 5.34 0.01
CA LYS B 191 -4.79 6.08 0.21
C LYS B 191 -4.00 5.68 1.44
N THR B 192 -4.70 5.37 2.52
CA THR B 192 -4.03 4.99 3.76
C THR B 192 -3.39 3.60 3.69
N LEU B 193 -4.17 2.60 3.28
CA LEU B 193 -3.66 1.22 3.19
C LEU B 193 -2.72 1.02 2.00
N GLY B 194 -2.70 1.96 1.08
CA GLY B 194 -1.83 1.87 -0.08
C GLY B 194 -2.28 0.84 -1.09
N ILE B 195 -3.59 0.73 -1.28
CA ILE B 195 -4.14 -0.22 -2.23
C ILE B 195 -3.92 0.28 -3.67
N LYS B 196 -3.39 -0.59 -4.51
CA LYS B 196 -3.11 -0.25 -5.90
C LYS B 196 -4.41 -0.02 -6.69
N TYR B 197 -4.49 1.11 -7.38
CA TYR B 197 -5.69 1.41 -8.17
C TYR B 197 -5.40 2.20 -9.44
N PHE B 198 -6.26 1.97 -10.42
CA PHE B 198 -6.18 2.67 -11.69
C PHE B 198 -7.59 3.20 -11.92
N SER B 199 -7.87 4.40 -11.40
CA SER B 199 -9.18 5.00 -11.59
C SER B 199 -9.20 5.43 -13.05
N MET B 200 -10.33 5.94 -13.51
CA MET B 200 -10.43 6.38 -14.90
C MET B 200 -9.33 7.37 -15.26
N THR B 201 -8.86 8.12 -14.26
CA THR B 201 -7.80 9.12 -14.43
C THR B 201 -6.51 8.44 -14.91
N GLU B 202 -6.15 7.33 -14.26
CA GLU B 202 -4.95 6.56 -14.61
C GLU B 202 -5.15 5.83 -15.93
N VAL B 203 -6.39 5.40 -16.16
CA VAL B 203 -6.70 4.72 -17.42
C VAL B 203 -6.53 5.73 -18.55
N ASP B 204 -6.99 6.96 -18.34
CA ASP B 204 -6.86 8.00 -19.35
C ASP B 204 -5.40 8.37 -19.53
N ARG B 205 -4.67 8.43 -18.43
CA ARG B 205 -3.26 8.79 -18.43
C ARG B 205 -2.36 7.77 -19.08
N LEU B 206 -2.48 6.52 -18.64
CA LEU B 206 -1.64 5.43 -19.15
C LEU B 206 -2.17 4.68 -20.38
N GLY B 207 -3.49 4.66 -20.54
CA GLY B 207 -4.05 3.90 -21.64
C GLY B 207 -4.21 2.52 -21.03
N ILE B 208 -5.30 1.83 -21.36
CA ILE B 208 -5.54 0.51 -20.80
C ILE B 208 -4.38 -0.47 -20.98
N GLY B 209 -3.62 -0.32 -22.07
CA GLY B 209 -2.50 -1.20 -22.32
C GLY B 209 -1.49 -1.18 -21.18
N LYS B 210 -1.01 0.02 -20.85
CA LYS B 210 -0.04 0.20 -19.78
C LYS B 210 -0.70 -0.12 -18.44
N VAL B 211 -2.01 0.11 -18.35
CA VAL B 211 -2.72 -0.18 -17.10
C VAL B 211 -2.70 -1.68 -16.81
N MET B 212 -2.89 -2.48 -17.85
CA MET B 212 -2.88 -3.93 -17.67
C MET B 212 -1.48 -4.45 -17.45
N GLU B 213 -0.53 -3.84 -18.13
CA GLU B 213 0.86 -4.24 -18.00
C GLU B 213 1.33 -3.99 -16.57
N GLU B 214 0.97 -2.82 -16.04
CA GLU B 214 1.33 -2.42 -14.68
C GLU B 214 0.51 -3.17 -13.62
N THR B 215 -0.71 -3.56 -13.96
CA THR B 215 -1.56 -4.29 -13.04
C THR B 215 -1.03 -5.70 -12.82
N LEU B 216 -0.82 -6.43 -13.92
CA LEU B 216 -0.33 -7.78 -13.84
C LEU B 216 1.07 -7.83 -13.25
N SER B 217 1.89 -6.85 -13.59
CA SER B 217 3.25 -6.79 -13.06
C SER B 217 3.21 -6.59 -11.54
N TYR B 218 2.31 -5.72 -11.09
CA TYR B 218 2.16 -5.43 -9.67
C TYR B 218 1.73 -6.68 -8.88
N LEU B 219 0.86 -7.49 -9.49
CA LEU B 219 0.36 -8.71 -8.85
C LEU B 219 1.18 -9.97 -9.10
N LEU B 220 1.67 -10.14 -10.32
CA LEU B 220 2.44 -11.33 -10.68
C LEU B 220 3.95 -11.22 -10.71
N GLY B 221 4.48 -10.01 -10.47
CA GLY B 221 5.92 -9.82 -10.49
C GLY B 221 6.66 -10.78 -9.57
N ARG B 222 6.47 -10.61 -8.27
CA ARG B 222 7.11 -11.45 -7.26
C ARG B 222 7.04 -12.92 -7.66
N LYS B 223 5.82 -13.42 -7.83
CA LYS B 223 5.60 -14.81 -8.24
C LYS B 223 4.23 -14.96 -8.90
N LYS B 224 4.08 -16.03 -9.66
CA LYS B 224 2.82 -16.30 -10.35
C LYS B 224 1.86 -16.95 -9.35
N ARG B 225 0.64 -16.42 -9.26
CA ARG B 225 -0.35 -16.99 -8.36
C ARG B 225 -1.75 -16.82 -8.92
N PRO B 226 -2.73 -17.57 -8.37
CA PRO B 226 -4.13 -17.49 -8.81
C PRO B 226 -4.63 -16.06 -8.92
N ILE B 227 -5.41 -15.81 -9.96
CA ILE B 227 -5.98 -14.49 -10.20
C ILE B 227 -7.51 -14.52 -10.05
N HIS B 228 -8.03 -13.66 -9.20
CA HIS B 228 -9.47 -13.60 -9.04
C HIS B 228 -9.96 -12.30 -9.65
N LEU B 229 -10.74 -12.43 -10.72
CA LEU B 229 -11.29 -11.26 -11.40
C LEU B 229 -12.74 -11.06 -10.97
N SER B 230 -12.99 -10.00 -10.21
CA SER B 230 -14.35 -9.69 -9.76
C SER B 230 -14.77 -8.54 -10.66
N PHE B 231 -15.62 -8.84 -11.63
CA PHE B 231 -16.03 -7.84 -12.59
C PHE B 231 -17.43 -7.25 -12.39
N ASP B 232 -17.48 -5.98 -11.99
CA ASP B 232 -18.73 -5.26 -11.81
C ASP B 232 -18.98 -4.58 -13.15
N VAL B 233 -20.08 -4.95 -13.80
CA VAL B 233 -20.42 -4.40 -15.11
C VAL B 233 -20.58 -2.87 -15.13
N ASP B 234 -20.76 -2.23 -13.98
CA ASP B 234 -20.89 -0.78 -13.97
C ASP B 234 -19.51 -0.15 -14.11
N GLY B 235 -18.51 -1.01 -14.21
CA GLY B 235 -17.14 -0.55 -14.38
C GLY B 235 -17.04 0.04 -15.77
N LEU B 236 -17.77 -0.55 -16.71
CA LEU B 236 -17.79 -0.04 -18.07
C LEU B 236 -18.85 1.06 -18.13
N ASP B 237 -18.67 1.96 -19.10
CA ASP B 237 -19.59 3.09 -19.25
C ASP B 237 -21.03 2.61 -19.47
N PRO B 238 -22.02 3.38 -18.99
CA PRO B 238 -23.45 3.10 -19.11
C PRO B 238 -23.95 2.98 -20.55
N SER B 239 -23.14 3.45 -21.49
CA SER B 239 -23.51 3.39 -22.90
C SER B 239 -23.32 1.95 -23.39
N PHE B 240 -22.58 1.17 -22.60
CA PHE B 240 -22.30 -0.22 -22.93
C PHE B 240 -23.05 -1.17 -21.99
N THR B 241 -23.16 -0.79 -20.73
CA THR B 241 -23.88 -1.60 -19.75
C THR B 241 -24.85 -0.76 -18.90
N PRO B 242 -25.89 -0.22 -19.55
CA PRO B 242 -26.89 0.61 -18.87
C PRO B 242 -27.72 -0.12 -17.81
N ALA B 243 -28.00 -1.39 -18.03
CA ALA B 243 -28.80 -2.18 -17.10
C ALA B 243 -28.02 -2.62 -15.86
N THR B 244 -27.77 -1.66 -14.96
CA THR B 244 -27.04 -1.91 -13.73
C THR B 244 -27.54 -0.91 -12.69
N GLY B 245 -27.52 -1.31 -11.42
CA GLY B 245 -28.01 -0.46 -10.33
C GLY B 245 -27.27 0.83 -10.02
N THR B 246 -25.96 0.86 -10.22
CA THR B 246 -25.19 2.06 -9.93
C THR B 246 -24.27 2.46 -11.08
N PRO B 247 -24.86 3.03 -12.16
CA PRO B 247 -24.13 3.46 -13.35
C PRO B 247 -23.46 4.80 -13.12
N VAL B 248 -22.26 4.98 -13.66
CA VAL B 248 -21.50 6.22 -13.53
C VAL B 248 -20.88 6.53 -14.89
N VAL B 249 -21.08 7.75 -15.36
CA VAL B 249 -20.55 8.18 -16.67
C VAL B 249 -19.04 8.19 -16.69
N GLY B 250 -18.49 8.18 -17.91
CA GLY B 250 -17.05 8.21 -18.09
C GLY B 250 -16.33 6.92 -17.75
N GLY B 251 -17.00 5.79 -17.93
CA GLY B 251 -16.39 4.51 -17.59
C GLY B 251 -15.58 3.88 -18.71
N LEU B 252 -15.17 2.64 -18.49
CA LEU B 252 -14.39 1.90 -19.47
C LEU B 252 -15.20 1.60 -20.72
N THR B 253 -14.56 1.72 -21.87
CA THR B 253 -15.23 1.43 -23.13
C THR B 253 -15.36 -0.07 -23.31
N TYR B 254 -16.12 -0.47 -24.33
CA TYR B 254 -16.33 -1.87 -24.66
C TYR B 254 -14.97 -2.50 -24.93
N ARG B 255 -14.16 -1.79 -25.73
CA ARG B 255 -12.83 -2.25 -26.08
C ARG B 255 -11.90 -2.43 -24.88
N GLU B 256 -11.97 -1.53 -23.92
CA GLU B 256 -11.13 -1.62 -22.72
C GLU B 256 -11.59 -2.75 -21.81
N GLY B 257 -12.86 -3.08 -21.85
CA GLY B 257 -13.36 -4.17 -21.03
C GLY B 257 -12.83 -5.48 -21.60
N LEU B 258 -12.79 -5.54 -22.93
CA LEU B 258 -12.31 -6.73 -23.61
C LEU B 258 -10.79 -6.85 -23.56
N TYR B 259 -10.09 -5.73 -23.45
CA TYR B 259 -8.64 -5.79 -23.38
C TYR B 259 -8.20 -6.29 -22.02
N ILE B 260 -8.88 -5.83 -20.98
CA ILE B 260 -8.58 -6.23 -19.61
C ILE B 260 -8.71 -7.75 -19.49
N THR B 261 -9.85 -8.26 -19.98
CA THR B 261 -10.12 -9.67 -19.92
C THR B 261 -9.26 -10.52 -20.85
N GLU B 262 -8.92 -10.01 -22.03
CA GLU B 262 -8.07 -10.74 -22.97
C GLU B 262 -6.65 -10.82 -22.41
N GLU B 263 -6.27 -9.87 -21.57
CA GLU B 263 -4.95 -9.88 -20.97
C GLU B 263 -4.89 -10.81 -19.77
N ILE B 264 -5.93 -10.77 -18.94
CA ILE B 264 -5.96 -11.64 -17.77
C ILE B 264 -6.03 -13.10 -18.25
N TYR B 265 -6.72 -13.32 -19.37
CA TYR B 265 -6.81 -14.65 -19.94
C TYR B 265 -5.43 -15.18 -20.30
N LYS B 266 -4.65 -14.36 -20.99
CA LYS B 266 -3.32 -14.76 -21.43
C LYS B 266 -2.34 -15.12 -20.32
N THR B 267 -2.59 -14.63 -19.11
CA THR B 267 -1.69 -14.93 -18.01
C THR B 267 -1.80 -16.41 -17.67
N GLY B 268 -2.95 -16.99 -18.05
CA GLY B 268 -3.21 -18.38 -17.77
C GLY B 268 -3.33 -18.60 -16.27
N LEU B 269 -3.59 -17.52 -15.53
CA LEU B 269 -3.73 -17.61 -14.08
C LEU B 269 -5.10 -17.29 -13.53
N LEU B 270 -6.07 -17.06 -14.41
CA LEU B 270 -7.43 -16.79 -13.95
C LEU B 270 -7.84 -18.02 -13.15
N SER B 271 -8.24 -17.82 -11.90
CA SER B 271 -8.62 -18.92 -11.03
C SER B 271 -10.09 -18.79 -10.63
N GLY B 272 -10.57 -17.55 -10.60
CA GLY B 272 -11.96 -17.29 -10.25
C GLY B 272 -12.43 -16.06 -10.99
N LEU B 273 -13.73 -15.97 -11.23
CA LEU B 273 -14.28 -14.81 -11.93
C LEU B 273 -15.70 -14.49 -11.47
N ASP B 274 -16.00 -13.21 -11.35
CA ASP B 274 -17.33 -12.74 -10.97
C ASP B 274 -17.84 -11.77 -12.03
N ILE B 275 -19.05 -12.03 -12.52
CA ILE B 275 -19.69 -11.14 -13.48
C ILE B 275 -20.88 -10.62 -12.70
N MET B 276 -20.69 -9.51 -12.00
CA MET B 276 -21.71 -8.94 -11.14
C MET B 276 -22.47 -7.69 -11.59
N GLU B 277 -23.47 -7.36 -10.80
CA GLU B 277 -24.33 -6.19 -11.00
C GLU B 277 -25.13 -6.07 -12.28
N VAL B 278 -25.36 -7.17 -12.99
CA VAL B 278 -26.18 -7.09 -14.20
C VAL B 278 -27.65 -7.15 -13.75
N ASN B 279 -28.37 -6.04 -13.95
CA ASN B 279 -29.76 -5.96 -13.55
C ASN B 279 -30.66 -5.73 -14.76
N PRO B 280 -31.19 -6.83 -15.35
CA PRO B 280 -32.07 -6.77 -16.52
C PRO B 280 -33.25 -5.82 -16.29
N SER B 281 -33.81 -5.89 -15.09
CA SER B 281 -34.95 -5.08 -14.70
C SER B 281 -34.73 -3.58 -14.78
N LEU B 282 -33.46 -3.15 -14.83
CA LEU B 282 -33.15 -1.73 -14.87
C LEU B 282 -32.85 -1.10 -16.23
N GLY B 283 -32.87 -1.88 -17.30
CA GLY B 283 -32.63 -1.31 -18.61
C GLY B 283 -33.92 -0.59 -18.97
N LYS B 284 -33.81 0.63 -19.50
CA LYS B 284 -35.02 1.37 -19.86
C LYS B 284 -35.65 0.92 -21.17
N THR B 285 -35.01 -0.02 -21.84
CA THR B 285 -35.51 -0.57 -23.10
C THR B 285 -35.03 -2.02 -23.21
N PRO B 286 -35.73 -2.84 -23.99
CA PRO B 286 -35.33 -4.24 -24.16
C PRO B 286 -33.95 -4.35 -24.82
N GLU B 287 -33.56 -3.29 -25.52
CA GLU B 287 -32.27 -3.26 -26.19
C GLU B 287 -31.17 -2.97 -25.17
N GLU B 288 -31.44 -2.07 -24.23
CA GLU B 288 -30.43 -1.75 -23.22
C GLU B 288 -30.14 -3.02 -22.43
N VAL B 289 -31.15 -3.87 -22.32
CA VAL B 289 -31.02 -5.13 -21.59
C VAL B 289 -30.08 -6.07 -22.31
N THR B 290 -30.31 -6.26 -23.61
CA THR B 290 -29.48 -7.15 -24.41
C THR B 290 -28.07 -6.58 -24.58
N ARG B 291 -27.96 -5.26 -24.62
CA ARG B 291 -26.66 -4.60 -24.78
C ARG B 291 -25.78 -4.93 -23.59
N THR B 292 -26.36 -4.81 -22.39
CA THR B 292 -25.66 -5.08 -21.16
C THR B 292 -25.34 -6.56 -21.03
N VAL B 293 -26.33 -7.40 -21.30
CA VAL B 293 -26.14 -8.85 -21.21
C VAL B 293 -25.12 -9.30 -22.25
N ASN B 294 -25.29 -8.85 -23.48
CA ASN B 294 -24.37 -9.22 -24.53
C ASN B 294 -22.95 -8.74 -24.26
N THR B 295 -22.81 -7.55 -23.68
CA THR B 295 -21.48 -7.03 -23.36
C THR B 295 -20.89 -7.88 -22.25
N ALA B 296 -21.73 -8.29 -21.31
CA ALA B 296 -21.29 -9.12 -20.19
C ALA B 296 -20.80 -10.47 -20.69
N VAL B 297 -21.52 -11.05 -21.63
CA VAL B 297 -21.14 -12.34 -22.20
C VAL B 297 -19.81 -12.20 -22.95
N ALA B 298 -19.67 -11.10 -23.69
CA ALA B 298 -18.46 -10.85 -24.46
C ALA B 298 -17.28 -10.79 -23.49
N ILE B 299 -17.46 -10.10 -22.37
CA ILE B 299 -16.41 -9.97 -21.36
C ILE B 299 -16.04 -11.35 -20.80
N THR B 300 -17.05 -12.13 -20.48
CA THR B 300 -16.85 -13.46 -19.93
C THR B 300 -16.13 -14.37 -20.92
N LEU B 301 -16.57 -14.33 -22.18
CA LEU B 301 -15.95 -15.16 -23.21
C LEU B 301 -14.47 -14.82 -23.40
N ALA B 302 -14.13 -13.54 -23.26
CA ALA B 302 -12.75 -13.07 -23.40
C ALA B 302 -11.89 -13.64 -22.28
N CYS B 303 -12.48 -13.77 -21.10
CA CYS B 303 -11.78 -14.31 -19.94
C CYS B 303 -11.32 -15.75 -20.15
N PHE B 304 -11.96 -16.43 -21.09
CA PHE B 304 -11.63 -17.81 -21.36
C PHE B 304 -11.05 -18.08 -22.74
N GLY B 305 -10.25 -17.14 -23.24
CA GLY B 305 -9.60 -17.32 -24.53
C GLY B 305 -10.14 -16.67 -25.79
N LEU B 306 -11.37 -16.16 -25.74
CA LEU B 306 -11.92 -15.52 -26.93
C LEU B 306 -11.10 -14.26 -27.21
N ALA B 307 -10.41 -14.26 -28.34
CA ALA B 307 -9.57 -13.14 -28.74
C ALA B 307 -10.06 -12.47 -30.02
N ARG B 308 -9.97 -11.14 -30.05
CA ARG B 308 -10.40 -10.37 -31.21
C ARG B 308 -9.55 -10.62 -32.43
N GLU B 309 -8.30 -11.05 -32.23
CA GLU B 309 -7.41 -11.33 -33.36
C GLU B 309 -7.80 -12.66 -34.00
N GLY B 310 -8.68 -13.39 -33.32
CA GLY B 310 -9.14 -14.67 -33.83
C GLY B 310 -8.71 -15.84 -32.98
N ASN B 311 -9.28 -17.01 -33.29
CA ASN B 311 -8.98 -18.26 -32.57
C ASN B 311 -9.08 -19.43 -33.54
N HIS B 312 -8.35 -20.50 -33.24
CA HIS B 312 -8.41 -21.70 -34.05
C HIS B 312 -7.90 -22.87 -33.23
N LYS B 313 -8.46 -24.04 -33.50
CA LYS B 313 -8.10 -25.25 -32.79
C LYS B 313 -6.87 -25.84 -33.47
N PRO B 314 -6.14 -26.72 -32.78
CA PRO B 314 -4.95 -27.31 -33.39
C PRO B 314 -5.37 -28.28 -34.50
N ILE B 315 -5.54 -27.73 -35.69
CA ILE B 315 -5.94 -28.51 -36.87
C ILE B 315 -5.28 -27.88 -38.09
N ASP B 316 -5.45 -28.51 -39.26
CA ASP B 316 -4.90 -27.96 -40.48
C ASP B 316 -6.04 -27.33 -41.24
N TYR B 317 -6.05 -26.01 -41.27
CA TYR B 317 -7.10 -25.25 -41.95
C TYR B 317 -6.77 -25.06 -43.42
N LEU B 318 -5.95 -25.96 -43.96
CA LEU B 318 -5.52 -25.90 -45.35
C LEU B 318 -5.13 -27.29 -45.88
N ASN B 319 -5.78 -28.32 -45.37
CA ASN B 319 -5.51 -29.70 -45.76
C ASN B 319 -4.00 -29.99 -45.83
MN MN C . 12.38 1.01 9.16
MN MN D . 13.93 3.39 7.42
CAO DMO E . 12.01 -3.75 3.10
CO DMO E . 11.04 -4.97 3.13
NO DMO E . 13.37 -4.09 3.47
CBO DMO E . 11.44 -2.75 4.17
CGO DMO E . 12.23 -1.46 4.31
CDO DMO E . 11.29 -0.48 4.85
NEO DMO E . 12.02 0.80 5.00
C DMO E . 12.00 -3.15 1.67
O DMO E . 10.92 -2.76 1.12
OH DMO E . 13.07 -3.04 1.02
F1 DMO E . 11.41 -5.98 2.14
F2 DMO E . 9.70 -4.55 2.82
MN MN F . -19.95 -0.67 -9.03
MN MN G . -19.23 -3.43 -7.32
CAO DMO H . -21.60 3.41 -2.81
CO DMO H . -22.47 4.70 -2.85
NO DMO H . -20.17 3.69 -2.81
CBO DMO H . -21.94 2.63 -4.13
CGO DMO H . -21.19 1.32 -4.31
CDO DMO H . -22.14 0.43 -5.01
NEO DMO H . -21.46 -0.87 -5.21
C DMO H . -21.95 2.62 -1.53
O DMO H . -23.15 2.23 -1.29
OH DMO H . -21.07 2.33 -0.69
F1 DMO H . -22.30 5.50 -1.63
F2 DMO H . -23.87 4.36 -2.96
#